data_8QNV
#
_entry.id   8QNV
#
_entity_poly.entity_id   1
_entity_poly.type   'polypeptide(L)'
_entity_poly.pdbx_seq_one_letter_code
;GSMKNNKDMSLEEKNKQLEQQVTYLQAKVAYLEKLDALIQSKKSPTKKKRK
;
_entity_poly.pdbx_strand_id   A
#
# COMPACT_ATOMS: atom_id res chain seq x y z
N MET A 3 -12.83 7.68 1.42
CA MET A 3 -12.74 9.11 1.67
C MET A 3 -11.28 9.56 1.69
N LYS A 4 -10.93 10.46 0.77
CA LYS A 4 -9.56 10.97 0.69
C LYS A 4 -9.08 11.49 2.04
N ASN A 5 -8.14 10.79 2.64
CA ASN A 5 -7.59 11.17 3.93
C ASN A 5 -7.10 12.62 3.91
N ASN A 6 -7.20 13.28 5.05
CA ASN A 6 -6.77 14.67 5.16
C ASN A 6 -5.36 14.85 4.62
N LYS A 7 -4.53 13.83 4.79
CA LYS A 7 -3.15 13.87 4.32
C LYS A 7 -3.09 14.21 2.84
N ASP A 8 -1.87 14.37 2.31
CA ASP A 8 -1.69 14.70 0.91
C ASP A 8 -1.96 13.49 0.02
N MET A 9 -1.12 12.47 0.17
CA MET A 9 -1.28 11.25 -0.62
C MET A 9 -2.55 10.52 -0.25
N SER A 10 -3.64 10.84 -0.94
CA SER A 10 -4.93 10.21 -0.68
C SER A 10 -4.92 8.74 -1.10
N LEU A 11 -5.82 7.96 -0.52
CA LEU A 11 -5.91 6.54 -0.83
C LEU A 11 -6.29 6.33 -2.29
N GLU A 12 -7.21 7.14 -2.79
CA GLU A 12 -7.65 7.04 -4.18
C GLU A 12 -6.46 7.10 -5.13
N GLU A 13 -5.39 7.76 -4.70
CA GLU A 13 -4.19 7.88 -5.52
C GLU A 13 -3.63 6.50 -5.87
N LYS A 14 -4.01 5.49 -5.09
CA LYS A 14 -3.55 4.13 -5.32
C LYS A 14 -3.66 3.76 -6.80
N ASN A 15 -2.75 2.91 -7.26
CA ASN A 15 -2.74 2.48 -8.64
C ASN A 15 -3.22 1.04 -8.76
N LYS A 16 -3.47 0.60 -10.00
CA LYS A 16 -3.93 -0.75 -10.26
C LYS A 16 -3.36 -1.29 -11.56
N GLN A 17 -3.19 -2.61 -11.63
CA GLN A 17 -2.65 -3.25 -12.82
C GLN A 17 -3.52 -4.43 -13.25
N LEU A 18 -3.04 -5.20 -14.22
CA LEU A 18 -3.77 -6.34 -14.73
C LEU A 18 -3.59 -7.56 -13.81
N GLU A 19 -2.33 -7.97 -13.64
CA GLU A 19 -2.02 -9.11 -12.79
C GLU A 19 -1.72 -8.66 -11.37
N GLN A 20 -1.00 -7.56 -11.24
CA GLN A 20 -0.64 -7.02 -9.94
C GLN A 20 -1.87 -6.54 -9.19
N GLN A 21 -2.97 -6.39 -9.91
CA GLN A 21 -4.22 -5.93 -9.31
C GLN A 21 -4.51 -6.66 -8.01
N VAL A 22 -4.58 -7.98 -8.08
CA VAL A 22 -4.84 -8.80 -6.90
C VAL A 22 -3.59 -8.97 -6.06
N THR A 23 -2.43 -8.73 -6.67
CA THR A 23 -1.15 -8.87 -5.98
C THR A 23 -1.09 -7.93 -4.78
N TYR A 24 -1.34 -6.64 -5.03
CA TYR A 24 -1.31 -5.64 -3.97
C TYR A 24 -2.65 -5.55 -3.25
N LEU A 25 -3.73 -5.68 -4.02
CA LEU A 25 -5.08 -5.61 -3.46
C LEU A 25 -5.21 -6.53 -2.25
N GLN A 26 -4.33 -7.52 -2.17
CA GLN A 26 -4.34 -8.47 -1.06
C GLN A 26 -3.62 -7.90 0.16
N ALA A 27 -2.42 -7.36 -0.07
CA ALA A 27 -1.63 -6.78 1.00
C ALA A 27 -1.92 -5.29 1.16
N LYS A 28 -1.81 -4.55 0.06
CA LYS A 28 -2.06 -3.11 0.07
C LYS A 28 -3.33 -2.79 0.85
N VAL A 29 -4.29 -3.70 0.81
CA VAL A 29 -5.56 -3.52 1.52
C VAL A 29 -5.32 -3.14 2.97
N ALA A 30 -4.16 -3.52 3.50
CA ALA A 30 -3.81 -3.22 4.88
C ALA A 30 -3.35 -1.78 5.03
N TYR A 31 -2.42 -1.37 4.17
CA TYR A 31 -1.90 -0.01 4.21
C TYR A 31 -2.89 0.98 3.61
N LEU A 32 -3.18 0.80 2.32
CA LEU A 32 -4.13 1.68 1.63
C LEU A 32 -5.40 1.85 2.44
N GLU A 33 -5.72 0.86 3.26
CA GLU A 33 -6.92 0.90 4.09
C GLU A 33 -7.11 2.29 4.69
N LYS A 34 -6.09 2.78 5.38
CA LYS A 34 -6.15 4.10 6.00
C LYS A 34 -4.99 4.97 5.53
N LEU A 35 -3.84 4.35 5.31
CA LEU A 35 -2.66 5.08 4.85
C LEU A 35 -2.75 5.40 3.36
N ASP A 36 -2.20 4.51 2.53
CA ASP A 36 -2.23 4.70 1.09
C ASP A 36 -1.65 3.49 0.37
N ALA A 37 -1.48 3.61 -0.94
CA ALA A 37 -0.94 2.52 -1.74
C ALA A 37 0.57 2.40 -1.54
N LEU A 38 0.98 1.96 -0.36
CA LEU A 38 2.39 1.80 -0.04
C LEU A 38 2.57 1.08 1.30
N ILE A 39 3.76 0.53 1.52
CA ILE A 39 4.07 -0.18 2.75
C ILE A 39 4.17 0.79 3.93
N GLN A 40 3.23 0.66 4.87
CA GLN A 40 3.22 1.52 6.04
C GLN A 40 2.89 0.72 7.30
N SER A 41 1.64 0.28 7.40
CA SER A 41 1.19 -0.50 8.55
C SER A 41 2.16 -1.65 8.84
N LYS A 42 2.09 -2.69 8.02
CA LYS A 42 2.96 -3.86 8.18
C LYS A 42 3.76 -4.11 6.91
N LYS A 43 4.91 -3.45 6.81
CA LYS A 43 5.77 -3.61 5.64
C LYS A 43 6.29 -5.04 5.55
N SER A 44 6.25 -5.59 4.34
CA SER A 44 6.71 -6.96 4.10
C SER A 44 8.14 -7.14 4.58
N PRO A 45 8.54 -8.40 4.81
CA PRO A 45 9.90 -8.73 5.28
C PRO A 45 10.96 -8.48 4.20
N THR A 46 12.02 -7.79 4.58
CA THR A 46 13.10 -7.48 3.66
C THR A 46 14.17 -8.56 3.69
N LYS A 47 14.91 -8.69 2.59
CA LYS A 47 15.97 -9.68 2.49
C LYS A 47 16.99 -9.51 3.62
N LYS A 48 17.83 -10.51 3.81
CA LYS A 48 18.85 -10.48 4.85
C LYS A 48 19.74 -9.25 4.71
N LYS A 49 19.46 -8.22 5.51
CA LYS A 49 20.24 -6.98 5.46
C LYS A 49 21.56 -7.15 6.20
N ARG A 50 22.66 -6.95 5.47
CA ARG A 50 23.99 -7.07 6.05
C ARG A 50 24.32 -5.85 6.91
N LYS A 51 24.28 -6.04 8.23
CA LYS A 51 24.58 -4.97 9.16
C LYS A 51 25.91 -4.31 8.82
N MET A 3 -13.60 7.48 1.57
CA MET A 3 -13.36 8.88 1.26
C MET A 3 -11.89 9.24 1.48
N LYS A 4 -11.36 10.10 0.61
CA LYS A 4 -9.98 10.53 0.72
C LYS A 4 -9.66 11.03 2.13
N ASN A 5 -8.58 10.51 2.71
CA ASN A 5 -8.17 10.90 4.06
C ASN A 5 -7.75 12.36 4.09
N ASN A 6 -7.86 12.98 5.26
CA ASN A 6 -7.47 14.38 5.42
C ASN A 6 -5.96 14.54 5.36
N LYS A 7 -5.40 14.29 4.19
CA LYS A 7 -3.96 14.41 3.99
C LYS A 7 -3.63 14.60 2.52
N ASP A 8 -2.35 14.81 2.21
CA ASP A 8 -1.90 14.99 0.84
C ASP A 8 -2.09 13.72 0.02
N MET A 9 -1.27 12.71 0.31
CA MET A 9 -1.34 11.44 -0.40
C MET A 9 -2.64 10.71 -0.06
N SER A 10 -3.68 10.98 -0.85
CA SER A 10 -4.98 10.35 -0.64
C SER A 10 -4.99 8.93 -1.18
N LEU A 11 -5.79 8.07 -0.56
CA LEU A 11 -5.89 6.67 -0.98
C LEU A 11 -6.28 6.58 -2.46
N GLU A 12 -7.09 7.53 -2.92
CA GLU A 12 -7.52 7.56 -4.31
C GLU A 12 -6.32 7.49 -5.25
N GLU A 13 -5.19 8.00 -4.79
CA GLU A 13 -3.98 8.01 -5.60
C GLU A 13 -3.57 6.59 -5.98
N LYS A 14 -4.09 5.61 -5.24
CA LYS A 14 -3.79 4.21 -5.51
C LYS A 14 -3.90 3.89 -7.00
N ASN A 15 -3.25 2.82 -7.43
CA ASN A 15 -3.29 2.41 -8.82
C ASN A 15 -3.98 1.05 -8.99
N LYS A 16 -4.08 0.59 -10.22
CA LYS A 16 -4.72 -0.69 -10.51
C LYS A 16 -4.24 -1.24 -11.85
N GLN A 17 -3.87 -2.52 -11.85
CA GLN A 17 -3.38 -3.18 -13.07
C GLN A 17 -4.12 -4.50 -13.29
N LEU A 18 -3.62 -5.28 -14.24
CA LEU A 18 -4.23 -6.57 -14.56
C LEU A 18 -3.80 -7.63 -13.56
N GLU A 19 -2.49 -7.83 -13.44
CA GLU A 19 -1.95 -8.82 -12.51
C GLU A 19 -1.72 -8.19 -11.13
N GLN A 20 -1.18 -6.98 -11.12
CA GLN A 20 -0.89 -6.28 -9.87
C GLN A 20 -2.19 -5.99 -9.11
N GLN A 21 -3.31 -6.08 -9.81
CA GLN A 21 -4.61 -5.83 -9.20
C GLN A 21 -4.73 -6.55 -7.85
N VAL A 22 -4.49 -7.85 -7.87
CA VAL A 22 -4.57 -8.66 -6.65
C VAL A 22 -3.32 -8.47 -5.79
N THR A 23 -2.20 -8.19 -6.43
CA THR A 23 -0.94 -8.00 -5.73
C THR A 23 -1.11 -7.02 -4.56
N TYR A 24 -1.59 -5.82 -4.87
CA TYR A 24 -1.79 -4.81 -3.85
C TYR A 24 -3.05 -5.09 -3.03
N LEU A 25 -4.10 -5.53 -3.72
CA LEU A 25 -5.37 -5.84 -3.06
C LEU A 25 -5.15 -6.78 -1.87
N GLN A 26 -4.02 -7.48 -1.89
CA GLN A 26 -3.69 -8.42 -0.82
C GLN A 26 -2.97 -7.70 0.32
N ALA A 27 -1.84 -7.08 0.00
CA ALA A 27 -1.06 -6.35 0.99
C ALA A 27 -1.59 -4.93 1.19
N LYS A 28 -1.57 -4.15 0.12
CA LYS A 28 -2.05 -2.77 0.17
C LYS A 28 -3.33 -2.67 1.00
N VAL A 29 -4.13 -3.73 0.97
CA VAL A 29 -5.38 -3.75 1.72
C VAL A 29 -5.16 -3.30 3.16
N ALA A 30 -3.95 -3.49 3.66
CA ALA A 30 -3.61 -3.09 5.02
C ALA A 30 -3.19 -1.62 5.08
N TYR A 31 -2.26 -1.25 4.22
CA TYR A 31 -1.77 0.14 4.17
C TYR A 31 -2.77 1.04 3.46
N LEU A 32 -3.03 0.75 2.19
CA LEU A 32 -3.96 1.54 1.40
C LEU A 32 -5.26 1.78 2.17
N GLU A 33 -5.59 0.86 3.07
CA GLU A 33 -6.80 0.96 3.88
C GLU A 33 -7.00 2.39 4.37
N LYS A 34 -5.99 2.92 5.06
CA LYS A 34 -6.06 4.28 5.59
C LYS A 34 -4.89 5.12 5.06
N LEU A 35 -3.72 4.51 4.97
CA LEU A 35 -2.53 5.20 4.48
C LEU A 35 -2.64 5.48 2.99
N ASP A 36 -2.17 4.55 2.17
CA ASP A 36 -2.22 4.70 0.73
C ASP A 36 -1.64 3.48 0.02
N ALA A 37 -1.53 3.55 -1.30
CA ALA A 37 -0.98 2.44 -2.08
C ALA A 37 0.53 2.35 -1.91
N LEU A 38 0.96 1.94 -0.72
CA LEU A 38 2.39 1.81 -0.42
C LEU A 38 2.60 1.12 0.92
N ILE A 39 3.83 0.66 1.16
CA ILE A 39 4.16 -0.01 2.40
C ILE A 39 4.30 0.99 3.55
N GLN A 40 3.40 0.89 4.53
CA GLN A 40 3.43 1.78 5.67
C GLN A 40 3.20 1.01 6.97
N SER A 41 1.94 0.62 7.21
CA SER A 41 1.59 -0.12 8.41
C SER A 41 2.56 -1.30 8.63
N LYS A 42 2.45 -2.31 7.78
CA LYS A 42 3.31 -3.49 7.88
C LYS A 42 4.08 -3.70 6.59
N LYS A 43 5.23 -3.05 6.47
CA LYS A 43 6.07 -3.17 5.28
C LYS A 43 6.55 -4.61 5.11
N SER A 44 6.52 -5.11 3.87
CA SER A 44 6.96 -6.46 3.58
C SER A 44 8.36 -6.72 4.14
N PRO A 45 8.71 -8.00 4.29
CA PRO A 45 10.01 -8.41 4.82
C PRO A 45 11.14 -8.12 3.82
N THR A 46 12.20 -7.48 4.32
CA THR A 46 13.35 -7.15 3.49
C THR A 46 14.37 -8.28 3.47
N LYS A 47 15.14 -8.36 2.39
CA LYS A 47 16.15 -9.40 2.25
C LYS A 47 17.11 -9.38 3.43
N LYS A 48 17.49 -10.57 3.90
CA LYS A 48 18.40 -10.70 5.03
C LYS A 48 19.71 -9.97 4.75
N LYS A 49 19.84 -8.77 5.30
CA LYS A 49 21.04 -7.96 5.11
C LYS A 49 22.17 -8.47 6.02
N ARG A 50 23.41 -8.24 5.58
CA ARG A 50 24.58 -8.67 6.36
C ARG A 50 24.67 -7.91 7.67
N LYS A 51 24.94 -8.62 8.75
CA LYS A 51 25.06 -8.02 10.07
C LYS A 51 26.02 -6.83 10.04
N MET A 3 -14.59 7.79 -0.34
CA MET A 3 -14.21 7.96 1.05
C MET A 3 -12.78 8.47 1.16
N LYS A 4 -12.43 9.44 0.32
CA LYS A 4 -11.09 10.01 0.32
C LYS A 4 -10.69 10.46 1.72
N ASN A 5 -9.55 9.99 2.19
CA ASN A 5 -9.06 10.34 3.52
C ASN A 5 -8.73 11.83 3.59
N ASN A 6 -9.14 12.47 4.69
CA ASN A 6 -8.88 13.89 4.88
C ASN A 6 -7.41 14.21 4.67
N LYS A 7 -6.55 13.28 5.04
CA LYS A 7 -5.11 13.47 4.88
C LYS A 7 -4.76 13.82 3.44
N ASP A 8 -3.48 14.11 3.20
CA ASP A 8 -3.01 14.46 1.87
C ASP A 8 -3.12 13.27 0.93
N MET A 9 -2.26 12.28 1.12
CA MET A 9 -2.26 11.09 0.29
C MET A 9 -3.54 10.28 0.49
N SER A 10 -4.55 10.59 -0.30
CA SER A 10 -5.83 9.89 -0.20
C SER A 10 -5.77 8.53 -0.88
N LEU A 11 -6.67 7.63 -0.50
CA LEU A 11 -6.70 6.29 -1.07
C LEU A 11 -7.06 6.34 -2.55
N GLU A 12 -7.92 7.29 -2.91
CA GLU A 12 -8.33 7.45 -4.30
C GLU A 12 -7.13 7.54 -5.23
N GLU A 13 -6.02 8.04 -4.70
CA GLU A 13 -4.79 8.17 -5.48
C GLU A 13 -4.35 6.82 -6.05
N LYS A 14 -4.71 5.75 -5.35
CA LYS A 14 -4.36 4.40 -5.78
C LYS A 14 -4.68 4.20 -7.26
N ASN A 15 -3.79 3.52 -7.97
CA ASN A 15 -3.99 3.25 -9.39
C ASN A 15 -3.06 2.14 -9.87
N LYS A 16 -3.60 1.22 -10.66
CA LYS A 16 -2.82 0.11 -11.19
C LYS A 16 -3.69 -0.79 -12.07
N GLN A 17 -3.05 -1.68 -12.80
CA GLN A 17 -3.75 -2.61 -13.68
C GLN A 17 -4.37 -3.76 -12.89
N LEU A 18 -5.34 -4.45 -13.49
CA LEU A 18 -6.00 -5.57 -12.85
C LEU A 18 -5.01 -6.68 -12.52
N GLU A 19 -4.00 -6.82 -13.36
CA GLU A 19 -2.97 -7.84 -13.17
C GLU A 19 -2.35 -7.73 -11.78
N GLN A 20 -1.76 -6.57 -11.50
CA GLN A 20 -1.13 -6.33 -10.21
C GLN A 20 -2.16 -5.94 -9.15
N GLN A 21 -3.36 -5.58 -9.62
CA GLN A 21 -4.44 -5.19 -8.71
C GLN A 21 -4.57 -6.17 -7.55
N VAL A 22 -4.85 -7.43 -7.88
CA VAL A 22 -5.01 -8.46 -6.87
C VAL A 22 -3.77 -8.56 -5.98
N THR A 23 -2.63 -8.15 -6.53
CA THR A 23 -1.37 -8.18 -5.79
C THR A 23 -1.37 -7.17 -4.65
N TYR A 24 -1.58 -5.91 -4.99
CA TYR A 24 -1.61 -4.84 -4.00
C TYR A 24 -2.91 -4.85 -3.22
N LEU A 25 -4.03 -4.87 -3.96
CA LEU A 25 -5.35 -4.88 -3.34
C LEU A 25 -5.41 -5.89 -2.20
N GLN A 26 -4.55 -6.91 -2.27
CA GLN A 26 -4.51 -7.94 -1.25
C GLN A 26 -3.69 -7.49 -0.04
N ALA A 27 -2.43 -7.16 -0.27
CA ALA A 27 -1.55 -6.71 0.79
C ALA A 27 -1.68 -5.21 1.02
N LYS A 28 -1.40 -4.43 -0.03
CA LYS A 28 -1.49 -2.98 0.05
C LYS A 28 -2.71 -2.55 0.86
N VAL A 29 -3.77 -3.34 0.79
CA VAL A 29 -5.00 -3.04 1.52
C VAL A 29 -4.69 -2.62 2.95
N ALA A 30 -3.61 -3.16 3.50
CA ALA A 30 -3.20 -2.84 4.87
C ALA A 30 -2.89 -1.36 5.01
N TYR A 31 -2.04 -0.84 4.13
CA TYR A 31 -1.66 0.56 4.17
C TYR A 31 -2.69 1.42 3.46
N LEU A 32 -3.03 1.05 2.23
CA LEU A 32 -4.01 1.79 1.45
C LEU A 32 -5.28 2.04 2.26
N GLU A 33 -5.54 1.17 3.23
CA GLU A 33 -6.72 1.29 4.08
C GLU A 33 -6.94 2.74 4.49
N LYS A 34 -5.91 3.35 5.07
CA LYS A 34 -5.99 4.73 5.51
C LYS A 34 -4.92 5.58 4.85
N LEU A 35 -3.73 4.99 4.66
CA LEU A 35 -2.63 5.70 4.03
C LEU A 35 -2.85 5.82 2.52
N ASP A 36 -2.33 4.87 1.76
CA ASP A 36 -2.47 4.87 0.32
C ASP A 36 -1.88 3.61 -0.30
N ALA A 37 -1.85 3.56 -1.62
CA ALA A 37 -1.30 2.40 -2.33
C ALA A 37 0.22 2.37 -2.24
N LEU A 38 0.72 2.07 -1.04
CA LEU A 38 2.17 2.01 -0.82
C LEU A 38 2.47 1.45 0.57
N ILE A 39 3.75 1.12 0.79
CA ILE A 39 4.18 0.57 2.08
C ILE A 39 4.35 1.69 3.11
N GLN A 40 3.52 1.64 4.16
CA GLN A 40 3.57 2.64 5.21
C GLN A 40 3.52 1.98 6.59
N SER A 41 2.35 1.48 6.95
CA SER A 41 2.16 0.82 8.24
C SER A 41 3.27 -0.20 8.49
N LYS A 42 3.15 -1.36 7.84
CA LYS A 42 4.14 -2.43 7.98
C LYS A 42 4.75 -2.79 6.63
N LYS A 43 5.79 -2.07 6.23
CA LYS A 43 6.46 -2.33 4.97
C LYS A 43 7.08 -3.72 4.96
N SER A 44 7.07 -4.35 3.78
CA SER A 44 7.63 -5.69 3.64
C SER A 44 9.07 -5.74 4.14
N PRO A 45 9.55 -6.96 4.43
CA PRO A 45 10.92 -7.16 4.93
C PRO A 45 11.97 -6.89 3.85
N THR A 46 12.98 -6.10 4.19
CA THR A 46 14.04 -5.77 3.27
C THR A 46 15.22 -6.74 3.40
N LYS A 47 15.98 -6.88 2.33
CA LYS A 47 17.14 -7.77 2.32
C LYS A 47 18.14 -7.38 3.41
N LYS A 48 18.15 -8.13 4.50
CA LYS A 48 19.06 -7.86 5.61
C LYS A 48 20.47 -8.34 5.28
N LYS A 49 21.43 -7.42 5.32
CA LYS A 49 22.82 -7.74 5.02
C LYS A 49 23.48 -8.42 6.22
N ARG A 50 24.26 -9.46 5.95
CA ARG A 50 24.94 -10.20 7.01
C ARG A 50 25.77 -9.26 7.88
N LYS A 51 25.27 -8.99 9.08
CA LYS A 51 25.96 -8.11 10.01
C LYS A 51 27.42 -8.53 10.19
N MET A 3 -13.05 3.39 0.12
CA MET A 3 -13.76 4.38 -0.68
C MET A 3 -13.13 5.76 -0.52
N LYS A 4 -13.50 6.68 -1.40
CA LYS A 4 -12.98 8.05 -1.35
C LYS A 4 -13.13 8.64 0.05
N ASN A 5 -12.03 8.69 0.79
CA ASN A 5 -12.06 9.23 2.14
C ASN A 5 -12.37 10.73 2.12
N ASN A 6 -12.74 11.26 3.28
CA ASN A 6 -13.06 12.68 3.40
C ASN A 6 -11.95 13.54 2.81
N LYS A 7 -10.72 13.09 2.95
CA LYS A 7 -9.56 13.81 2.43
C LYS A 7 -9.73 14.11 0.95
N ASP A 8 -8.79 14.86 0.38
CA ASP A 8 -8.83 15.22 -1.03
C ASP A 8 -8.37 14.04 -1.89
N MET A 9 -7.07 13.79 -1.90
CA MET A 9 -6.50 12.70 -2.70
C MET A 9 -6.96 11.35 -2.16
N SER A 10 -8.08 10.85 -2.68
CA SER A 10 -8.62 9.57 -2.25
C SER A 10 -7.62 8.44 -2.51
N LEU A 11 -7.58 7.48 -1.59
CA LEU A 11 -6.66 6.35 -1.72
C LEU A 11 -6.80 5.69 -3.07
N GLU A 12 -8.01 5.69 -3.62
CA GLU A 12 -8.27 5.09 -4.92
C GLU A 12 -7.31 5.62 -5.97
N GLU A 13 -6.81 6.84 -5.75
CA GLU A 13 -5.88 7.45 -6.68
C GLU A 13 -4.61 6.62 -6.82
N LYS A 14 -4.23 5.96 -5.73
CA LYS A 14 -3.03 5.12 -5.73
C LYS A 14 -3.05 4.14 -6.89
N ASN A 15 -1.90 3.56 -7.19
CA ASN A 15 -1.79 2.60 -8.29
C ASN A 15 -0.36 2.06 -8.40
N LYS A 16 -0.22 0.85 -8.92
CA LYS A 16 1.07 0.23 -9.08
C LYS A 16 1.21 -0.40 -10.47
N GLN A 17 0.44 -1.46 -10.72
CA GLN A 17 0.48 -2.14 -12.01
C GLN A 17 -0.83 -2.88 -12.27
N LEU A 18 -0.84 -3.72 -13.28
CA LEU A 18 -2.03 -4.49 -13.65
C LEU A 18 -2.21 -5.68 -12.70
N GLU A 19 -1.19 -6.50 -12.61
CA GLU A 19 -1.23 -7.68 -11.76
C GLU A 19 -1.03 -7.30 -10.28
N GLN A 20 -0.08 -6.39 -10.06
CA GLN A 20 0.22 -5.93 -8.70
C GLN A 20 -0.93 -5.09 -8.14
N GLN A 21 -1.81 -4.64 -9.03
CA GLN A 21 -2.96 -3.82 -8.62
C GLN A 21 -3.66 -4.45 -7.43
N VAL A 22 -3.98 -5.74 -7.53
CA VAL A 22 -4.67 -6.45 -6.46
C VAL A 22 -3.69 -6.84 -5.35
N THR A 23 -2.44 -7.08 -5.73
CA THR A 23 -1.41 -7.46 -4.77
C THR A 23 -1.40 -6.53 -3.58
N TYR A 24 -1.24 -5.23 -3.84
CA TYR A 24 -1.21 -4.23 -2.77
C TYR A 24 -2.61 -3.94 -2.27
N LEU A 25 -3.57 -3.88 -3.19
CA LEU A 25 -4.96 -3.60 -2.84
C LEU A 25 -5.44 -4.54 -1.74
N GLN A 26 -4.75 -5.66 -1.59
CA GLN A 26 -5.11 -6.64 -0.57
C GLN A 26 -4.45 -6.31 0.77
N ALA A 27 -3.11 -6.24 0.76
CA ALA A 27 -2.36 -5.92 1.97
C ALA A 27 -2.26 -4.42 2.18
N LYS A 28 -1.63 -3.73 1.23
CA LYS A 28 -1.47 -2.28 1.31
C LYS A 28 -2.74 -1.62 1.83
N VAL A 29 -3.89 -2.21 1.51
CA VAL A 29 -5.17 -1.68 1.95
C VAL A 29 -5.13 -1.29 3.42
N ALA A 30 -4.29 -1.98 4.19
CA ALA A 30 -4.16 -1.70 5.61
C ALA A 30 -3.64 -0.28 5.85
N TYR A 31 -2.54 0.06 5.19
CA TYR A 31 -1.95 1.39 5.33
C TYR A 31 -2.62 2.39 4.40
N LEU A 32 -2.74 2.03 3.12
CA LEU A 32 -3.37 2.89 2.13
C LEU A 32 -4.73 3.36 2.61
N GLU A 33 -5.35 2.59 3.49
CA GLU A 33 -6.66 2.93 4.04
C GLU A 33 -6.74 4.41 4.37
N LYS A 34 -5.75 4.90 5.12
CA LYS A 34 -5.71 6.31 5.51
C LYS A 34 -4.42 6.96 5.04
N LEU A 35 -3.34 6.19 5.06
CA LEU A 35 -2.03 6.69 4.65
C LEU A 35 -1.92 6.74 3.13
N ASP A 36 -1.36 5.69 2.54
CA ASP A 36 -1.21 5.61 1.09
C ASP A 36 -0.76 4.22 0.67
N ALA A 37 -0.58 4.03 -0.64
CA ALA A 37 -0.14 2.74 -1.17
C ALA A 37 1.32 2.47 -0.81
N LEU A 38 1.58 2.19 0.45
CA LEU A 38 2.93 1.91 0.91
C LEU A 38 2.92 1.41 2.36
N ILE A 39 4.04 0.83 2.79
CA ILE A 39 4.16 0.32 4.14
C ILE A 39 4.36 1.46 5.14
N GLN A 40 3.37 1.65 6.02
CA GLN A 40 3.44 2.70 7.03
C GLN A 40 3.11 2.15 8.41
N SER A 41 1.83 1.82 8.62
CA SER A 41 1.38 1.29 9.89
C SER A 41 2.20 0.06 10.29
N LYS A 42 1.99 -1.04 9.57
CA LYS A 42 2.70 -2.27 9.85
C LYS A 42 3.50 -2.73 8.62
N LYS A 43 4.72 -2.23 8.48
CA LYS A 43 5.57 -2.60 7.36
C LYS A 43 5.93 -4.08 7.41
N SER A 44 6.06 -4.70 6.23
CA SER A 44 6.41 -6.11 6.15
C SER A 44 7.86 -6.33 6.54
N PRO A 45 8.20 -7.58 6.89
CA PRO A 45 9.55 -7.96 7.29
C PRO A 45 10.53 -7.93 6.12
N THR A 46 11.67 -7.27 6.33
CA THR A 46 12.70 -7.16 5.30
C THR A 46 13.72 -8.28 5.42
N LYS A 47 14.37 -8.62 4.31
CA LYS A 47 15.37 -9.67 4.28
C LYS A 47 16.77 -9.08 4.28
N LYS A 48 17.65 -9.64 5.11
CA LYS A 48 19.03 -9.17 5.20
C LYS A 48 19.91 -9.88 4.18
N LYS A 49 20.79 -9.13 3.54
CA LYS A 49 21.70 -9.68 2.54
C LYS A 49 22.84 -10.44 3.21
N ARG A 50 23.21 -11.58 2.62
CA ARG A 50 24.29 -12.39 3.16
C ARG A 50 25.65 -11.80 2.80
N LYS A 51 26.49 -11.60 3.81
CA LYS A 51 27.82 -11.04 3.61
C LYS A 51 28.57 -11.81 2.52
N MET A 3 -12.73 4.68 1.03
CA MET A 3 -12.91 5.63 2.11
C MET A 3 -11.97 6.83 1.95
N LYS A 4 -12.37 7.76 1.10
CA LYS A 4 -11.57 8.96 0.85
C LYS A 4 -11.18 9.64 2.17
N ASN A 5 -9.93 9.45 2.57
CA ASN A 5 -9.44 10.05 3.80
C ASN A 5 -9.61 11.56 3.79
N ASN A 6 -9.86 12.14 4.96
CA ASN A 6 -10.04 13.58 5.08
C ASN A 6 -8.89 14.33 4.42
N LYS A 7 -7.70 13.76 4.51
CA LYS A 7 -6.50 14.37 3.92
C LYS A 7 -6.72 14.67 2.45
N ASP A 8 -5.74 15.32 1.83
CA ASP A 8 -5.82 15.66 0.41
C ASP A 8 -5.61 14.42 -0.46
N MET A 9 -4.41 13.86 -0.38
CA MET A 9 -4.08 12.68 -1.18
C MET A 9 -4.89 11.47 -0.71
N SER A 10 -6.06 11.28 -1.31
CA SER A 10 -6.93 10.17 -0.95
C SER A 10 -6.39 8.85 -1.52
N LEU A 11 -6.81 7.76 -0.91
CA LEU A 11 -6.37 6.43 -1.34
C LEU A 11 -6.85 6.13 -2.75
N GLU A 12 -8.10 6.49 -3.04
CA GLU A 12 -8.69 6.27 -4.36
C GLU A 12 -7.82 6.88 -5.45
N GLU A 13 -7.09 7.93 -5.10
CA GLU A 13 -6.21 8.61 -6.05
C GLU A 13 -5.14 7.67 -6.57
N LYS A 14 -4.70 6.74 -5.72
CA LYS A 14 -3.67 5.78 -6.09
C LYS A 14 -4.12 4.95 -7.30
N ASN A 15 -3.31 3.97 -7.67
CA ASN A 15 -3.61 3.11 -8.80
C ASN A 15 -2.52 2.06 -9.00
N LYS A 16 -2.93 0.87 -9.44
CA LYS A 16 -1.99 -0.21 -9.67
C LYS A 16 -2.39 -1.02 -10.90
N GLN A 17 -1.48 -1.88 -11.37
CA GLN A 17 -1.74 -2.71 -12.53
C GLN A 17 -2.97 -3.59 -12.31
N LEU A 18 -3.60 -4.01 -13.41
CA LEU A 18 -4.79 -4.85 -13.33
C LEU A 18 -4.43 -6.27 -12.88
N GLU A 19 -3.24 -6.72 -13.27
CA GLU A 19 -2.77 -8.06 -12.91
C GLU A 19 -2.33 -8.09 -11.46
N GLN A 20 -1.53 -7.10 -11.06
CA GLN A 20 -1.04 -7.02 -9.69
C GLN A 20 -2.10 -6.46 -8.76
N GLN A 21 -3.15 -5.90 -9.33
CA GLN A 21 -4.24 -5.32 -8.54
C GLN A 21 -4.63 -6.26 -7.39
N VAL A 22 -4.59 -7.56 -7.66
CA VAL A 22 -4.94 -8.55 -6.64
C VAL A 22 -3.87 -8.62 -5.56
N THR A 23 -2.61 -8.57 -5.96
CA THR A 23 -1.51 -8.62 -5.01
C THR A 23 -1.52 -7.42 -4.07
N TYR A 24 -1.78 -6.25 -4.62
CA TYR A 24 -1.83 -5.02 -3.83
C TYR A 24 -3.11 -4.95 -3.01
N LEU A 25 -4.25 -5.05 -3.69
CA LEU A 25 -5.55 -5.01 -3.03
C LEU A 25 -5.56 -5.92 -1.80
N GLN A 26 -4.72 -6.94 -1.82
CA GLN A 26 -4.63 -7.88 -0.71
C GLN A 26 -3.73 -7.34 0.39
N ALA A 27 -2.49 -7.04 0.04
CA ALA A 27 -1.52 -6.52 1.00
C ALA A 27 -1.63 -5.01 1.13
N LYS A 28 -1.42 -4.32 0.02
CA LYS A 28 -1.50 -2.86 0.00
C LYS A 28 -2.66 -2.37 0.86
N VAL A 29 -3.75 -3.14 0.88
CA VAL A 29 -4.92 -2.78 1.67
C VAL A 29 -4.52 -2.30 3.07
N ALA A 30 -3.42 -2.85 3.57
CA ALA A 30 -2.94 -2.48 4.90
C ALA A 30 -2.51 -1.02 4.94
N TYR A 31 -1.66 -0.63 3.98
CA TYR A 31 -1.18 0.75 3.92
C TYR A 31 -2.21 1.66 3.26
N LEU A 32 -2.63 1.29 2.07
CA LEU A 32 -3.62 2.07 1.33
C LEU A 32 -4.82 2.39 2.21
N GLU A 33 -5.11 1.51 3.16
CA GLU A 33 -6.24 1.70 4.07
C GLU A 33 -6.30 3.15 4.55
N LYS A 34 -5.23 3.61 5.17
CA LYS A 34 -5.16 4.98 5.68
C LYS A 34 -3.98 5.73 5.08
N LEU A 35 -2.83 5.09 5.04
CA LEU A 35 -1.62 5.70 4.48
C LEU A 35 -1.79 5.95 2.99
N ASP A 36 -1.46 4.96 2.17
CA ASP A 36 -1.58 5.07 0.73
C ASP A 36 -1.09 3.80 0.03
N ALA A 37 -1.09 3.83 -1.30
CA ALA A 37 -0.65 2.68 -2.08
C ALA A 37 0.87 2.54 -2.04
N LEU A 38 1.40 2.19 -0.88
CA LEU A 38 2.84 2.03 -0.71
C LEU A 38 3.16 1.44 0.66
N ILE A 39 4.22 0.64 0.71
CA ILE A 39 4.64 0.01 1.96
C ILE A 39 4.91 1.06 3.03
N GLN A 40 4.09 1.07 4.08
CA GLN A 40 4.23 2.02 5.17
C GLN A 40 4.00 1.34 6.51
N SER A 41 2.76 0.96 6.78
CA SER A 41 2.40 0.30 8.03
C SER A 41 3.30 -0.90 8.29
N LYS A 42 3.05 -1.98 7.57
CA LYS A 42 3.84 -3.20 7.71
C LYS A 42 4.47 -3.61 6.39
N LYS A 43 5.65 -3.05 6.11
CA LYS A 43 6.36 -3.36 4.86
C LYS A 43 6.74 -4.83 4.81
N SER A 44 6.67 -5.41 3.62
CA SER A 44 7.01 -6.83 3.43
C SER A 44 8.39 -7.13 4.01
N PRO A 45 8.64 -8.42 4.26
CA PRO A 45 9.92 -8.88 4.82
C PRO A 45 11.06 -8.75 3.82
N THR A 46 12.17 -8.15 4.28
CA THR A 46 13.34 -7.96 3.41
C THR A 46 14.28 -9.17 3.50
N LYS A 47 15.05 -9.38 2.44
CA LYS A 47 15.99 -10.48 2.39
C LYS A 47 16.94 -10.45 3.58
N LYS A 48 17.53 -11.59 3.90
CA LYS A 48 18.46 -11.69 5.01
C LYS A 48 19.62 -10.71 4.84
N LYS A 49 19.56 -9.58 5.53
CA LYS A 49 20.60 -8.57 5.44
C LYS A 49 21.80 -8.97 6.30
N ARG A 50 22.98 -8.51 5.89
CA ARG A 50 24.21 -8.81 6.62
C ARG A 50 24.18 -8.22 8.02
N LYS A 51 24.08 -9.08 9.02
CA LYS A 51 24.04 -8.64 10.41
C LYS A 51 23.84 -9.83 11.35
N MET A 3 -13.84 5.34 -1.74
CA MET A 3 -13.96 6.55 -2.53
C MET A 3 -13.04 7.64 -2.01
N LYS A 4 -13.08 8.80 -2.65
CA LYS A 4 -12.25 9.93 -2.26
C LYS A 4 -12.58 10.38 -0.84
N ASN A 5 -11.84 9.87 0.13
CA ASN A 5 -12.06 10.22 1.53
C ASN A 5 -11.72 11.69 1.78
N ASN A 6 -12.25 12.22 2.87
CA ASN A 6 -12.01 13.62 3.23
C ASN A 6 -10.51 13.93 3.23
N LYS A 7 -9.71 12.94 3.56
CA LYS A 7 -8.26 13.11 3.59
C LYS A 7 -7.75 13.65 2.27
N ASP A 8 -6.45 13.94 2.21
CA ASP A 8 -5.83 14.46 1.00
C ASP A 8 -5.58 13.35 -0.01
N MET A 9 -4.56 12.52 0.26
CA MET A 9 -4.21 11.42 -0.62
C MET A 9 -5.32 10.36 -0.63
N SER A 10 -6.26 10.50 -1.56
CA SER A 10 -7.37 9.57 -1.66
C SER A 10 -6.86 8.16 -1.95
N LEU A 11 -7.50 7.16 -1.34
CA LEU A 11 -7.12 5.77 -1.53
C LEU A 11 -7.15 5.39 -3.01
N GLU A 12 -8.05 6.02 -3.76
CA GLU A 12 -8.18 5.75 -5.18
C GLU A 12 -6.83 5.89 -5.88
N GLU A 13 -5.97 6.75 -5.34
CA GLU A 13 -4.65 6.98 -5.92
C GLU A 13 -3.86 5.68 -6.00
N LYS A 14 -4.24 4.70 -5.18
CA LYS A 14 -3.57 3.41 -5.17
C LYS A 14 -3.38 2.88 -6.59
N ASN A 15 -2.14 2.50 -6.91
CA ASN A 15 -1.82 1.97 -8.22
C ASN A 15 -0.34 1.62 -8.33
N LYS A 16 -0.05 0.52 -9.01
CA LYS A 16 1.33 0.07 -9.18
C LYS A 16 1.49 -0.68 -10.51
N GLN A 17 1.03 -1.92 -10.54
CA GLN A 17 1.12 -2.75 -11.73
C GLN A 17 0.02 -3.80 -11.76
N LEU A 18 0.06 -4.67 -12.76
CA LEU A 18 -0.94 -5.72 -12.91
C LEU A 18 -0.72 -6.82 -11.88
N GLU A 19 0.52 -7.29 -11.77
CA GLU A 19 0.87 -8.34 -10.83
C GLU A 19 0.93 -7.79 -9.41
N GLN A 20 1.52 -6.62 -9.26
CA GLN A 20 1.65 -5.99 -7.95
C GLN A 20 0.30 -5.45 -7.46
N GLN A 21 -0.63 -5.31 -8.40
CA GLN A 21 -1.96 -4.80 -8.07
C GLN A 21 -2.52 -5.50 -6.83
N VAL A 22 -2.46 -6.81 -6.82
CA VAL A 22 -2.95 -7.60 -5.69
C VAL A 22 -1.95 -7.61 -4.55
N THR A 23 -0.67 -7.53 -4.88
CA THR A 23 0.38 -7.53 -3.89
C THR A 23 0.10 -6.51 -2.78
N TYR A 24 -0.13 -5.26 -3.18
CA TYR A 24 -0.42 -4.20 -2.23
C TYR A 24 -1.87 -4.26 -1.77
N LEU A 25 -2.78 -4.48 -2.71
CA LEU A 25 -4.20 -4.55 -2.41
C LEU A 25 -4.45 -5.51 -1.24
N GLN A 26 -3.53 -6.43 -1.03
CA GLN A 26 -3.66 -7.40 0.06
C GLN A 26 -3.11 -6.84 1.35
N ALA A 27 -1.84 -6.43 1.33
CA ALA A 27 -1.19 -5.88 2.52
C ALA A 27 -1.49 -4.39 2.65
N LYS A 28 -1.05 -3.61 1.65
CA LYS A 28 -1.27 -2.17 1.66
C LYS A 28 -2.66 -1.83 2.17
N VAL A 29 -3.62 -2.71 1.89
CA VAL A 29 -5.00 -2.50 2.33
C VAL A 29 -5.05 -2.04 3.78
N ALA A 30 -4.07 -2.47 4.57
CA ALA A 30 -4.00 -2.10 5.98
C ALA A 30 -3.83 -0.59 6.14
N TYR A 31 -2.83 -0.04 5.46
CA TYR A 31 -2.57 1.39 5.53
C TYR A 31 -3.46 2.17 4.57
N LEU A 32 -3.45 1.75 3.31
CA LEU A 32 -4.26 2.39 2.28
C LEU A 32 -5.71 2.56 2.74
N GLU A 33 -6.13 1.69 3.65
CA GLU A 33 -7.49 1.74 4.18
C GLU A 33 -7.92 3.17 4.46
N LYS A 34 -7.07 3.89 5.20
CA LYS A 34 -7.35 5.29 5.55
C LYS A 34 -6.23 6.20 5.06
N LEU A 35 -5.01 5.69 5.09
CA LEU A 35 -3.84 6.48 4.66
C LEU A 35 -3.75 6.50 3.13
N ASP A 36 -2.96 5.60 2.58
CA ASP A 36 -2.79 5.51 1.13
C ASP A 36 -2.04 4.24 0.75
N ALA A 37 -1.83 4.05 -0.55
CA ALA A 37 -1.14 2.87 -1.05
C ALA A 37 0.35 2.93 -0.72
N LEU A 38 0.67 2.76 0.57
CA LEU A 38 2.06 2.79 1.03
C LEU A 38 2.15 2.37 2.49
N ILE A 39 3.36 2.04 2.92
CA ILE A 39 3.60 1.63 4.30
C ILE A 39 3.56 2.82 5.25
N GLN A 40 2.58 2.83 6.14
CA GLN A 40 2.43 3.92 7.11
C GLN A 40 2.25 3.36 8.52
N SER A 41 1.08 2.79 8.77
CA SER A 41 0.79 2.22 10.10
C SER A 41 1.86 1.23 10.52
N LYS A 42 1.88 0.07 9.86
CA LYS A 42 2.86 -0.97 10.16
C LYS A 42 3.66 -1.33 8.92
N LYS A 43 4.74 -0.59 8.69
CA LYS A 43 5.61 -0.84 7.55
C LYS A 43 6.24 -2.22 7.62
N SER A 44 6.43 -2.85 6.46
CA SER A 44 7.02 -4.18 6.40
C SER A 44 8.53 -4.12 6.65
N PRO A 45 9.10 -5.28 7.02
CA PRO A 45 10.54 -5.38 7.30
C PRO A 45 11.39 -5.24 6.04
N THR A 46 12.70 -5.16 6.23
CA THR A 46 13.63 -5.02 5.11
C THR A 46 14.11 -6.38 4.62
N LYS A 47 14.50 -6.45 3.36
CA LYS A 47 14.98 -7.70 2.77
C LYS A 47 16.51 -7.75 2.79
N LYS A 48 17.05 -8.73 3.52
CA LYS A 48 18.50 -8.89 3.62
C LYS A 48 19.02 -9.89 2.59
N LYS A 49 20.10 -9.54 1.91
CA LYS A 49 20.69 -10.41 0.91
C LYS A 49 21.42 -11.59 1.56
N ARG A 50 21.06 -12.80 1.15
CA ARG A 50 21.68 -14.00 1.69
C ARG A 50 23.20 -13.92 1.60
N LYS A 51 23.87 -14.45 2.62
CA LYS A 51 25.33 -14.44 2.65
C LYS A 51 25.91 -15.00 1.36
N MET A 3 -13.88 7.18 -0.08
CA MET A 3 -13.76 8.44 -0.79
C MET A 3 -12.55 9.23 -0.32
N LYS A 4 -12.33 10.39 -0.92
CA LYS A 4 -11.21 11.24 -0.56
C LYS A 4 -11.24 11.58 0.93
N ASN A 5 -10.43 10.88 1.71
CA ASN A 5 -10.36 11.11 3.14
C ASN A 5 -9.81 12.50 3.45
N ASN A 6 -10.02 12.95 4.69
CA ASN A 6 -9.55 14.26 5.11
C ASN A 6 -8.07 14.44 4.78
N LYS A 7 -7.31 13.36 4.88
CA LYS A 7 -5.88 13.41 4.59
C LYS A 7 -5.62 13.96 3.19
N ASP A 8 -4.35 14.14 2.86
CA ASP A 8 -3.97 14.66 1.55
C ASP A 8 -4.07 13.58 0.48
N MET A 9 -3.12 12.64 0.50
CA MET A 9 -3.11 11.55 -0.46
C MET A 9 -4.30 10.62 -0.27
N SER A 10 -5.40 10.92 -0.96
CA SER A 10 -6.62 10.12 -0.85
C SER A 10 -6.35 8.68 -1.30
N LEU A 11 -7.13 7.75 -0.76
CA LEU A 11 -6.99 6.34 -1.10
C LEU A 11 -7.13 6.12 -2.61
N GLU A 12 -8.04 6.85 -3.23
CA GLU A 12 -8.27 6.74 -4.65
C GLU A 12 -6.96 6.91 -5.43
N GLU A 13 -6.02 7.63 -4.84
CA GLU A 13 -4.72 7.86 -5.46
C GLU A 13 -4.02 6.54 -5.77
N LYS A 14 -4.33 5.51 -5.00
CA LYS A 14 -3.74 4.20 -5.19
C LYS A 14 -3.82 3.77 -6.65
N ASN A 15 -2.93 2.87 -7.05
CA ASN A 15 -2.91 2.38 -8.42
C ASN A 15 -1.80 1.36 -8.62
N LYS A 16 -1.87 0.61 -9.72
CA LYS A 16 -0.87 -0.40 -10.03
C LYS A 16 -1.18 -1.09 -11.35
N GLN A 17 -0.38 -2.10 -11.70
CA GLN A 17 -0.57 -2.83 -12.93
C GLN A 17 -1.86 -3.63 -12.91
N LEU A 18 -2.12 -4.39 -13.98
CA LEU A 18 -3.33 -5.19 -14.06
C LEU A 18 -3.20 -6.46 -13.23
N GLU A 19 -2.06 -7.12 -13.32
CA GLU A 19 -1.81 -8.35 -12.56
C GLU A 19 -1.58 -8.03 -11.09
N GLN A 20 -0.68 -7.08 -10.83
CA GLN A 20 -0.36 -6.70 -9.46
C GLN A 20 -1.56 -6.03 -8.79
N GLN A 21 -2.50 -5.56 -9.61
CA GLN A 21 -3.69 -4.90 -9.09
C GLN A 21 -4.36 -5.74 -8.00
N VAL A 22 -4.75 -6.95 -8.36
CA VAL A 22 -5.39 -7.85 -7.41
C VAL A 22 -4.45 -8.23 -6.28
N THR A 23 -3.15 -8.01 -6.49
CA THR A 23 -2.15 -8.31 -5.48
C THR A 23 -2.15 -7.28 -4.36
N TYR A 24 -2.05 -6.01 -4.74
CA TYR A 24 -2.04 -4.92 -3.76
C TYR A 24 -3.46 -4.60 -3.29
N LEU A 25 -4.40 -4.66 -4.22
CA LEU A 25 -5.80 -4.38 -3.91
C LEU A 25 -6.30 -5.27 -2.77
N GLN A 26 -5.68 -6.44 -2.64
CA GLN A 26 -6.06 -7.39 -1.59
C GLN A 26 -5.24 -7.16 -0.32
N ALA A 27 -3.94 -6.96 -0.49
CA ALA A 27 -3.06 -6.73 0.64
C ALA A 27 -2.96 -5.24 0.97
N LYS A 28 -2.39 -4.47 0.05
CA LYS A 28 -2.24 -3.04 0.23
C LYS A 28 -3.47 -2.44 0.90
N VAL A 29 -4.65 -2.97 0.54
CA VAL A 29 -5.90 -2.48 1.09
C VAL A 29 -5.79 -2.29 2.60
N ALA A 30 -4.97 -3.11 3.24
CA ALA A 30 -4.76 -3.02 4.69
C ALA A 30 -4.23 -1.65 5.09
N TYR A 31 -3.14 -1.23 4.44
CA TYR A 31 -2.54 0.06 4.73
C TYR A 31 -3.26 1.18 3.99
N LEU A 32 -3.46 0.99 2.68
CA LEU A 32 -4.13 1.99 1.87
C LEU A 32 -5.52 2.31 2.43
N GLU A 33 -6.03 1.41 3.26
CA GLU A 33 -7.35 1.59 3.87
C GLU A 33 -7.53 3.05 4.31
N LYS A 34 -6.60 3.54 5.11
CA LYS A 34 -6.66 4.91 5.61
C LYS A 34 -5.41 5.69 5.21
N LEU A 35 -4.27 5.01 5.21
CA LEU A 35 -3.00 5.64 4.85
C LEU A 35 -2.92 5.88 3.34
N ASP A 36 -2.39 4.92 2.62
CA ASP A 36 -2.26 5.03 1.17
C ASP A 36 -1.68 3.74 0.58
N ALA A 37 -1.54 3.71 -0.74
CA ALA A 37 -1.00 2.56 -1.43
C ALA A 37 0.48 2.36 -1.12
N LEU A 38 0.77 1.85 0.08
CA LEU A 38 2.15 1.62 0.50
C LEU A 38 2.18 0.83 1.80
N ILE A 39 3.39 0.68 2.36
CA ILE A 39 3.56 -0.05 3.61
C ILE A 39 3.53 0.89 4.80
N GLN A 40 2.49 0.76 5.63
CA GLN A 40 2.34 1.60 6.81
C GLN A 40 2.04 0.75 8.05
N SER A 41 0.81 0.29 8.15
CA SER A 41 0.40 -0.54 9.28
C SER A 41 1.39 -1.66 9.53
N LYS A 42 1.39 -2.64 8.63
CA LYS A 42 2.29 -3.79 8.74
C LYS A 42 3.16 -3.92 7.50
N LYS A 43 4.28 -3.21 7.50
CA LYS A 43 5.21 -3.25 6.37
C LYS A 43 5.77 -4.66 6.18
N SER A 44 5.85 -5.09 4.92
CA SER A 44 6.36 -6.41 4.60
C SER A 44 7.77 -6.60 5.18
N PRO A 45 8.18 -7.88 5.30
CA PRO A 45 9.50 -8.21 5.83
C PRO A 45 10.63 -7.84 4.89
N THR A 46 11.65 -7.16 5.42
CA THR A 46 12.78 -6.74 4.61
C THR A 46 13.89 -7.78 4.63
N LYS A 47 14.71 -7.80 3.59
CA LYS A 47 15.81 -8.75 3.49
C LYS A 47 17.12 -8.12 3.96
N LYS A 48 17.89 -8.87 4.72
CA LYS A 48 19.17 -8.39 5.24
C LYS A 48 20.32 -8.87 4.37
N LYS A 49 21.21 -7.96 3.99
CA LYS A 49 22.35 -8.29 3.16
C LYS A 49 23.44 -8.97 3.99
N ARG A 50 24.20 -9.85 3.35
CA ARG A 50 25.28 -10.57 4.02
C ARG A 50 26.35 -9.61 4.52
N LYS A 51 26.66 -9.70 5.82
CA LYS A 51 27.67 -8.84 6.42
C LYS A 51 27.77 -9.10 7.93
N MET A 3 -14.71 6.65 0.07
CA MET A 3 -14.41 8.06 -0.18
C MET A 3 -13.05 8.44 0.39
N LYS A 4 -12.53 9.58 -0.04
CA LYS A 4 -11.23 10.06 0.43
C LYS A 4 -11.17 10.05 1.96
N ASN A 5 -10.04 9.60 2.49
CA ASN A 5 -9.85 9.54 3.94
C ASN A 5 -9.67 10.94 4.51
N ASN A 6 -10.71 11.77 4.39
CA ASN A 6 -10.66 13.13 4.89
C ASN A 6 -9.24 13.68 4.89
N LYS A 7 -8.59 13.61 3.73
CA LYS A 7 -7.23 14.10 3.59
C LYS A 7 -6.91 14.42 2.13
N ASP A 8 -5.72 14.96 1.90
CA ASP A 8 -5.29 15.31 0.55
C ASP A 8 -5.16 14.06 -0.33
N MET A 9 -4.09 13.30 -0.10
CA MET A 9 -3.86 12.08 -0.86
C MET A 9 -4.91 11.03 -0.54
N SER A 10 -6.01 11.04 -1.29
CA SER A 10 -7.08 10.08 -1.07
C SER A 10 -6.69 8.69 -1.59
N LEU A 11 -7.35 7.67 -1.07
CA LEU A 11 -7.07 6.29 -1.48
C LEU A 11 -7.39 6.09 -2.96
N GLU A 12 -8.44 6.76 -3.43
CA GLU A 12 -8.84 6.65 -4.83
C GLU A 12 -7.69 7.01 -5.76
N GLU A 13 -6.78 7.84 -5.27
CA GLU A 13 -5.63 8.27 -6.06
C GLU A 13 -4.67 7.10 -6.29
N LYS A 14 -4.70 6.13 -5.37
CA LYS A 14 -3.84 4.96 -5.47
C LYS A 14 -3.90 4.35 -6.86
N ASN A 15 -2.87 3.59 -7.22
CA ASN A 15 -2.81 2.94 -8.52
C ASN A 15 -2.45 1.47 -8.40
N LYS A 16 -2.44 0.76 -9.52
CA LYS A 16 -2.12 -0.66 -9.53
C LYS A 16 -2.09 -1.20 -10.95
N GLN A 17 -1.95 -2.52 -11.08
CA GLN A 17 -1.92 -3.16 -12.39
C GLN A 17 -2.85 -4.36 -12.42
N LEU A 18 -2.71 -5.18 -13.46
CA LEU A 18 -3.55 -6.37 -13.62
C LEU A 18 -3.01 -7.52 -12.77
N GLU A 19 -1.70 -7.72 -12.81
CA GLU A 19 -1.07 -8.80 -12.04
C GLU A 19 -0.82 -8.36 -10.60
N GLN A 20 -0.15 -7.21 -10.44
CA GLN A 20 0.15 -6.68 -9.13
C GLN A 20 -1.12 -6.32 -8.38
N GLN A 21 -2.24 -6.29 -9.10
CA GLN A 21 -3.53 -5.96 -8.50
C GLN A 21 -3.74 -6.70 -7.19
N VAL A 22 -3.40 -8.00 -7.20
CA VAL A 22 -3.55 -8.83 -6.01
C VAL A 22 -2.40 -8.61 -5.03
N THR A 23 -1.23 -8.25 -5.57
CA THR A 23 -0.05 -8.01 -4.76
C THR A 23 -0.28 -6.85 -3.80
N TYR A 24 -0.65 -5.69 -4.36
CA TYR A 24 -0.89 -4.50 -3.55
C TYR A 24 -2.17 -4.65 -2.73
N LEU A 25 -3.19 -5.21 -3.36
CA LEU A 25 -4.48 -5.41 -2.69
C LEU A 25 -4.31 -6.21 -1.40
N GLN A 26 -3.20 -6.93 -1.31
CA GLN A 26 -2.92 -7.74 -0.13
C GLN A 26 -2.19 -6.92 0.93
N ALA A 27 -1.06 -6.34 0.55
CA ALA A 27 -0.27 -5.53 1.47
C ALA A 27 -0.72 -4.08 1.43
N LYS A 28 -0.54 -3.43 0.28
CA LYS A 28 -0.93 -2.03 0.11
C LYS A 28 -2.26 -1.75 0.82
N VAL A 29 -3.23 -2.63 0.61
CA VAL A 29 -4.54 -2.47 1.23
C VAL A 29 -4.42 -2.06 2.69
N ALA A 30 -3.35 -2.53 3.34
CA ALA A 30 -3.12 -2.20 4.74
C ALA A 30 -2.92 -0.71 4.94
N TYR A 31 -2.02 -0.12 4.16
CA TYR A 31 -1.73 1.30 4.24
C TYR A 31 -2.77 2.11 3.47
N LEU A 32 -2.97 1.75 2.21
CA LEU A 32 -3.93 2.45 1.35
C LEU A 32 -5.28 2.57 2.06
N GLU A 33 -5.57 1.63 2.94
CA GLU A 33 -6.83 1.64 3.68
C GLU A 33 -7.17 3.04 4.16
N LYS A 34 -6.26 3.63 4.93
CA LYS A 34 -6.46 4.98 5.45
C LYS A 34 -5.34 5.91 5.01
N LEU A 35 -4.11 5.42 5.11
CA LEU A 35 -2.94 6.21 4.73
C LEU A 35 -2.94 6.49 3.23
N ASP A 36 -2.35 5.59 2.46
CA ASP A 36 -2.28 5.73 1.01
C ASP A 36 -1.52 4.56 0.38
N ALA A 37 -1.34 4.63 -0.94
CA ALA A 37 -0.63 3.59 -1.65
C ALA A 37 0.87 3.65 -1.39
N LEU A 38 1.26 3.32 -0.16
CA LEU A 38 2.68 3.34 0.22
C LEU A 38 2.87 2.72 1.60
N ILE A 39 4.05 2.15 1.82
CA ILE A 39 4.36 1.52 3.10
C ILE A 39 4.34 2.54 4.24
N GLN A 40 3.37 2.39 5.14
CA GLN A 40 3.24 3.30 6.27
C GLN A 40 2.92 2.54 7.55
N SER A 41 1.70 1.99 7.61
CA SER A 41 1.27 1.23 8.78
C SER A 41 2.30 0.17 9.15
N LYS A 42 2.34 -0.91 8.37
CA LYS A 42 3.27 -2.00 8.62
C LYS A 42 4.16 -2.24 7.40
N LYS A 43 5.26 -1.51 7.32
CA LYS A 43 6.19 -1.64 6.20
C LYS A 43 6.81 -3.04 6.18
N SER A 44 7.01 -3.57 4.98
CA SER A 44 7.59 -4.90 4.82
C SER A 44 8.90 -5.01 5.60
N PRO A 45 9.32 -6.25 5.88
CA PRO A 45 10.56 -6.53 6.62
C PRO A 45 11.80 -6.18 5.80
N THR A 46 12.96 -6.23 6.45
CA THR A 46 14.23 -5.92 5.79
C THR A 46 14.87 -7.17 5.22
N LYS A 47 15.55 -7.03 4.09
CA LYS A 47 16.22 -8.14 3.44
C LYS A 47 17.48 -8.54 4.20
N LYS A 48 17.44 -9.71 4.82
CA LYS A 48 18.59 -10.22 5.58
C LYS A 48 19.79 -10.44 4.67
N LYS A 49 20.72 -9.49 4.69
CA LYS A 49 21.93 -9.58 3.86
C LYS A 49 22.94 -10.54 4.48
N ARG A 50 23.54 -11.38 3.65
CA ARG A 50 24.52 -12.35 4.12
C ARG A 50 25.86 -11.67 4.38
N LYS A 51 26.20 -11.51 5.66
CA LYS A 51 27.46 -10.87 6.04
C LYS A 51 28.63 -11.52 5.32
N MET A 3 -14.08 5.66 -0.06
CA MET A 3 -14.34 6.79 0.83
C MET A 3 -13.06 7.59 1.06
N LYS A 4 -12.87 8.62 0.25
CA LYS A 4 -11.70 9.48 0.36
C LYS A 4 -11.53 9.99 1.79
N ASN A 5 -10.36 9.76 2.36
CA ASN A 5 -10.06 10.20 3.72
C ASN A 5 -10.05 11.71 3.82
N ASN A 6 -10.38 12.23 5.00
CA ASN A 6 -10.41 13.67 5.21
C ASN A 6 -9.00 14.25 5.26
N LYS A 7 -8.29 14.16 4.13
CA LYS A 7 -6.93 14.66 4.04
C LYS A 7 -6.55 14.94 2.59
N ASP A 8 -5.35 15.48 2.39
CA ASP A 8 -4.87 15.79 1.06
C ASP A 8 -4.67 14.52 0.24
N MET A 9 -3.72 13.69 0.68
CA MET A 9 -3.43 12.44 -0.02
C MET A 9 -4.59 11.47 0.11
N SER A 10 -5.53 11.54 -0.84
CA SER A 10 -6.70 10.67 -0.82
C SER A 10 -6.35 9.28 -1.35
N LEU A 11 -6.82 8.26 -0.64
CA LEU A 11 -6.55 6.87 -1.04
C LEU A 11 -6.95 6.64 -2.49
N GLU A 12 -7.98 7.35 -2.94
CA GLU A 12 -8.46 7.22 -4.32
C GLU A 12 -7.32 7.48 -5.32
N GLU A 13 -6.31 8.19 -4.86
CA GLU A 13 -5.16 8.51 -5.72
C GLU A 13 -4.42 7.24 -6.14
N LYS A 14 -4.65 6.17 -5.39
CA LYS A 14 -4.01 4.89 -5.69
C LYS A 14 -4.16 4.53 -7.17
N ASN A 15 -3.37 3.57 -7.62
CA ASN A 15 -3.42 3.14 -9.01
C ASN A 15 -2.45 1.98 -9.26
N LYS A 16 -2.99 0.85 -9.70
CA LYS A 16 -2.18 -0.33 -9.97
C LYS A 16 -2.52 -0.93 -11.34
N GLN A 17 -1.90 -2.06 -11.66
CA GLN A 17 -2.14 -2.72 -12.93
C GLN A 17 -3.32 -3.69 -12.83
N LEU A 18 -3.49 -4.51 -13.85
CA LEU A 18 -4.58 -5.49 -13.88
C LEU A 18 -4.24 -6.71 -13.03
N GLU A 19 -3.09 -7.33 -13.33
CA GLU A 19 -2.65 -8.50 -12.58
C GLU A 19 -2.29 -8.14 -11.15
N GLN A 20 -1.56 -7.04 -10.99
CA GLN A 20 -1.15 -6.57 -9.67
C GLN A 20 -2.34 -6.10 -8.86
N GLN A 21 -3.47 -5.88 -9.54
CA GLN A 21 -4.68 -5.42 -8.89
C GLN A 21 -4.99 -6.27 -7.66
N VAL A 22 -4.86 -7.59 -7.80
CA VAL A 22 -5.12 -8.50 -6.70
C VAL A 22 -3.94 -8.58 -5.75
N THR A 23 -2.76 -8.23 -6.25
CA THR A 23 -1.54 -8.26 -5.44
C THR A 23 -1.51 -7.10 -4.46
N TYR A 24 -1.87 -5.90 -4.93
CA TYR A 24 -1.89 -4.72 -4.09
C TYR A 24 -3.16 -4.66 -3.25
N LEU A 25 -4.27 -5.10 -3.84
CA LEU A 25 -5.55 -5.10 -3.14
C LEU A 25 -5.49 -5.95 -1.88
N GLN A 26 -4.57 -6.91 -1.87
CA GLN A 26 -4.41 -7.79 -0.71
C GLN A 26 -3.41 -7.21 0.28
N ALA A 27 -2.28 -6.73 -0.24
CA ALA A 27 -1.24 -6.15 0.60
C ALA A 27 -1.42 -4.65 0.73
N LYS A 28 -1.22 -3.93 -0.36
CA LYS A 28 -1.36 -2.47 -0.37
C LYS A 28 -2.56 -2.04 0.48
N VAL A 29 -3.66 -2.77 0.35
CA VAL A 29 -4.86 -2.47 1.10
C VAL A 29 -4.55 -2.14 2.55
N ALA A 30 -3.50 -2.78 3.08
CA ALA A 30 -3.08 -2.55 4.46
C ALA A 30 -2.70 -1.09 4.68
N TYR A 31 -1.83 -0.58 3.82
CA TYR A 31 -1.38 0.80 3.93
C TYR A 31 -2.40 1.76 3.30
N LEU A 32 -2.79 1.47 2.06
CA LEU A 32 -3.75 2.30 1.35
C LEU A 32 -4.99 2.53 2.19
N GLU A 33 -5.26 1.61 3.11
CA GLU A 33 -6.42 1.71 3.98
C GLU A 33 -6.59 3.14 4.51
N LYS A 34 -5.55 3.64 5.16
CA LYS A 34 -5.57 4.99 5.71
C LYS A 34 -4.43 5.84 5.13
N LEU A 35 -3.27 5.21 4.96
CA LEU A 35 -2.11 5.90 4.43
C LEU A 35 -2.27 6.17 2.93
N ASP A 36 -1.83 5.22 2.12
CA ASP A 36 -1.93 5.35 0.67
C ASP A 36 -1.35 4.12 -0.03
N ALA A 37 -1.33 4.16 -1.36
CA ALA A 37 -0.80 3.05 -2.14
C ALA A 37 0.72 3.00 -2.07
N LEU A 38 1.24 2.67 -0.89
CA LEU A 38 2.68 2.58 -0.69
C LEU A 38 3.00 2.00 0.68
N ILE A 39 4.04 1.16 0.73
CA ILE A 39 4.45 0.53 1.98
C ILE A 39 4.66 1.58 3.08
N GLN A 40 3.81 1.53 4.09
CA GLN A 40 3.91 2.48 5.21
C GLN A 40 3.70 1.77 6.54
N SER A 41 2.48 1.30 6.77
CA SER A 41 2.15 0.60 8.01
C SER A 41 3.15 -0.52 8.29
N LYS A 42 3.02 -1.61 7.54
CA LYS A 42 3.91 -2.76 7.71
C LYS A 42 4.62 -3.09 6.40
N LYS A 43 5.74 -2.42 6.14
CA LYS A 43 6.50 -2.64 4.92
C LYS A 43 7.05 -4.06 4.87
N SER A 44 7.05 -4.65 3.68
CA SER A 44 7.55 -6.02 3.52
C SER A 44 8.97 -6.15 4.03
N PRO A 45 9.39 -7.39 4.31
CA PRO A 45 10.74 -7.68 4.80
C PRO A 45 11.82 -7.45 3.75
N THR A 46 12.86 -6.72 4.13
CA THR A 46 13.95 -6.41 3.22
C THR A 46 14.98 -7.54 3.21
N LYS A 47 15.72 -7.65 2.11
CA LYS A 47 16.74 -8.68 1.97
C LYS A 47 17.75 -8.61 3.12
N LYS A 48 17.61 -9.52 4.08
CA LYS A 48 18.50 -9.56 5.23
C LYS A 48 19.94 -9.84 4.79
N LYS A 49 20.80 -8.86 4.98
CA LYS A 49 22.21 -8.99 4.61
C LYS A 49 22.96 -9.84 5.61
N ARG A 50 24.02 -10.51 5.15
CA ARG A 50 24.82 -11.36 6.03
C ARG A 50 25.28 -10.60 7.26
N LYS A 51 24.66 -10.88 8.39
CA LYS A 51 25.00 -10.22 9.64
C LYS A 51 26.50 -10.30 9.90
N MET A 3 -12.87 3.30 0.46
CA MET A 3 -13.50 4.60 0.24
C MET A 3 -12.45 5.70 0.18
N LYS A 4 -12.35 6.36 -0.97
CA LYS A 4 -11.40 7.43 -1.16
C LYS A 4 -11.52 8.48 -0.05
N ASN A 5 -10.42 8.71 0.66
CA ASN A 5 -10.39 9.67 1.76
C ASN A 5 -10.94 11.02 1.30
N ASN A 6 -11.71 11.67 2.16
CA ASN A 6 -12.29 12.96 1.85
C ASN A 6 -11.23 13.93 1.36
N LYS A 7 -10.02 13.80 1.90
CA LYS A 7 -8.91 14.67 1.52
C LYS A 7 -8.70 14.65 0.01
N ASP A 8 -7.76 15.48 -0.46
CA ASP A 8 -7.47 15.55 -1.88
C ASP A 8 -6.80 14.27 -2.37
N MET A 9 -5.61 13.99 -1.86
CA MET A 9 -4.86 12.79 -2.24
C MET A 9 -5.58 11.54 -1.75
N SER A 10 -6.47 11.02 -2.58
CA SER A 10 -7.22 9.81 -2.24
C SER A 10 -6.29 8.61 -2.11
N LEU A 11 -6.76 7.59 -1.39
CA LEU A 11 -5.97 6.39 -1.17
C LEU A 11 -5.79 5.62 -2.48
N GLU A 12 -6.80 5.65 -3.33
CA GLU A 12 -6.76 4.96 -4.62
C GLU A 12 -5.93 5.77 -5.62
N GLU A 13 -5.84 7.08 -5.40
CA GLU A 13 -5.10 7.95 -6.29
C GLU A 13 -3.63 7.51 -6.39
N LYS A 14 -3.16 6.83 -5.35
CA LYS A 14 -1.78 6.35 -5.31
C LYS A 14 -1.49 5.45 -6.50
N ASN A 15 -0.27 4.92 -6.55
CA ASN A 15 0.13 4.04 -7.65
C ASN A 15 -0.82 2.86 -7.77
N LYS A 16 -0.74 2.16 -8.91
CA LYS A 16 -1.59 1.00 -9.16
C LYS A 16 -1.30 0.39 -10.52
N GLN A 17 -1.01 -0.90 -10.53
CA GLN A 17 -0.71 -1.61 -11.78
C GLN A 17 -1.91 -2.43 -12.24
N LEU A 18 -1.72 -3.16 -13.33
CA LEU A 18 -2.79 -4.00 -13.87
C LEU A 18 -2.91 -5.31 -13.10
N GLU A 19 -1.78 -5.98 -12.90
CA GLU A 19 -1.76 -7.24 -12.17
C GLU A 19 -1.63 -7.01 -10.67
N GLN A 20 -0.74 -6.09 -10.30
CA GLN A 20 -0.51 -5.78 -8.89
C GLN A 20 -1.76 -5.13 -8.28
N GLN A 21 -2.67 -4.67 -9.14
CA GLN A 21 -3.89 -4.03 -8.68
C GLN A 21 -4.55 -4.85 -7.57
N VAL A 22 -4.93 -6.08 -7.89
CA VAL A 22 -5.58 -6.96 -6.92
C VAL A 22 -4.60 -7.37 -5.84
N THR A 23 -3.30 -7.24 -6.11
CA THR A 23 -2.27 -7.59 -5.15
C THR A 23 -2.21 -6.59 -4.00
N TYR A 24 -2.17 -5.30 -4.35
CA TYR A 24 -2.11 -4.24 -3.35
C TYR A 24 -3.49 -3.96 -2.77
N LEU A 25 -4.51 -4.01 -3.63
CA LEU A 25 -5.88 -3.76 -3.20
C LEU A 25 -6.28 -4.72 -2.08
N GLN A 26 -5.63 -5.87 -2.04
CA GLN A 26 -5.93 -6.88 -1.02
C GLN A 26 -5.05 -6.69 0.21
N ALA A 27 -3.75 -6.49 -0.03
CA ALA A 27 -2.81 -6.28 1.06
C ALA A 27 -2.69 -4.80 1.42
N LYS A 28 -2.14 -4.01 0.50
CA LYS A 28 -1.97 -2.58 0.72
C LYS A 28 -3.17 -1.99 1.43
N VAL A 29 -4.36 -2.53 1.14
CA VAL A 29 -5.58 -2.05 1.76
C VAL A 29 -5.40 -1.85 3.26
N ALA A 30 -4.51 -2.63 3.86
CA ALA A 30 -4.23 -2.54 5.28
C ALA A 30 -3.61 -1.19 5.63
N TYR A 31 -2.52 -0.86 4.95
CA TYR A 31 -1.83 0.40 5.19
C TYR A 31 -2.47 1.54 4.40
N LEU A 32 -2.62 1.33 3.09
CA LEU A 32 -3.22 2.33 2.22
C LEU A 32 -4.59 2.76 2.74
N GLU A 33 -5.17 1.93 3.59
CA GLU A 33 -6.48 2.23 4.17
C GLU A 33 -6.58 3.69 4.56
N LYS A 34 -5.68 4.14 5.43
CA LYS A 34 -5.66 5.52 5.89
C LYS A 34 -4.30 6.16 5.64
N LEU A 35 -3.24 5.40 5.92
CA LEU A 35 -1.88 5.90 5.72
C LEU A 35 -1.63 6.23 4.26
N ASP A 36 -1.21 5.24 3.48
CA ASP A 36 -0.93 5.43 2.07
C ASP A 36 -0.50 4.12 1.42
N ALA A 37 -0.33 4.14 0.10
CA ALA A 37 0.09 2.96 -0.64
C ALA A 37 1.53 2.59 -0.32
N LEU A 38 1.74 2.01 0.87
CA LEU A 38 3.07 1.62 1.30
C LEU A 38 3.02 0.79 2.58
N ILE A 39 4.18 0.53 3.17
CA ILE A 39 4.25 -0.24 4.40
C ILE A 39 4.23 0.68 5.62
N GLN A 40 3.16 0.61 6.40
CA GLN A 40 3.02 1.42 7.60
C GLN A 40 2.58 0.59 8.78
N SER A 41 1.31 0.18 8.78
CA SER A 41 0.76 -0.63 9.86
C SER A 41 1.66 -1.81 10.17
N LYS A 42 1.63 -2.82 9.31
CA LYS A 42 2.45 -4.01 9.49
C LYS A 42 3.37 -4.24 8.29
N LYS A 43 4.52 -3.60 8.29
CA LYS A 43 5.49 -3.73 7.20
C LYS A 43 5.97 -5.17 7.07
N SER A 44 6.12 -5.63 5.84
CA SER A 44 6.58 -6.99 5.58
C SER A 44 7.98 -7.21 6.16
N PRO A 45 8.34 -8.49 6.34
CA PRO A 45 9.65 -8.88 6.89
C PRO A 45 10.78 -8.60 5.92
N THR A 46 11.83 -7.93 6.41
CA THR A 46 12.98 -7.60 5.59
C THR A 46 13.97 -8.76 5.53
N LYS A 47 14.59 -8.95 4.37
CA LYS A 47 15.57 -10.02 4.19
C LYS A 47 16.98 -9.53 4.47
N LYS A 48 17.72 -10.28 5.29
CA LYS A 48 19.09 -9.93 5.63
C LYS A 48 20.03 -10.20 4.47
N LYS A 49 20.70 -9.16 4.00
CA LYS A 49 21.64 -9.28 2.90
C LYS A 49 22.96 -9.89 3.36
N ARG A 50 23.63 -10.60 2.47
CA ARG A 50 24.91 -11.23 2.79
C ARG A 50 26.03 -10.19 2.82
N LYS A 51 26.96 -10.38 3.75
CA LYS A 51 28.10 -9.47 3.89
C LYS A 51 28.79 -9.26 2.55
N MET A 3 -16.21 5.87 -0.35
CA MET A 3 -15.56 7.03 -0.94
C MET A 3 -14.26 7.36 -0.22
N LYS A 4 -13.36 8.05 -0.92
CA LYS A 4 -12.06 8.41 -0.35
C LYS A 4 -12.24 9.09 1.01
N ASN A 5 -11.17 9.12 1.79
CA ASN A 5 -11.21 9.76 3.10
C ASN A 5 -11.42 11.26 2.98
N ASN A 6 -12.02 11.85 4.03
CA ASN A 6 -12.29 13.28 4.03
C ASN A 6 -11.00 14.08 4.18
N LYS A 7 -10.15 14.02 3.16
CA LYS A 7 -8.88 14.74 3.17
C LYS A 7 -8.37 14.97 1.75
N ASP A 8 -7.26 15.68 1.64
CA ASP A 8 -6.66 15.98 0.34
C ASP A 8 -6.13 14.71 -0.31
N MET A 9 -5.07 14.15 0.28
CA MET A 9 -4.45 12.94 -0.24
C MET A 9 -5.38 11.74 -0.08
N SER A 10 -6.23 11.52 -1.09
CA SER A 10 -7.18 10.41 -1.05
C SER A 10 -6.49 9.09 -1.40
N LEU A 11 -7.09 8.00 -0.97
CA LEU A 11 -6.54 6.67 -1.24
C LEU A 11 -6.58 6.35 -2.73
N GLU A 12 -7.57 6.90 -3.42
CA GLU A 12 -7.72 6.68 -4.86
C GLU A 12 -6.43 7.01 -5.59
N GLU A 13 -5.61 7.88 -5.00
CA GLU A 13 -4.35 8.27 -5.60
C GLU A 13 -3.43 7.08 -5.78
N LYS A 14 -3.64 6.05 -4.96
CA LYS A 14 -2.84 4.84 -5.03
C LYS A 14 -2.69 4.36 -6.47
N ASN A 15 -1.66 3.57 -6.74
CA ASN A 15 -1.41 3.04 -8.07
C ASN A 15 -2.08 1.68 -8.25
N LYS A 16 -1.76 1.02 -9.36
CA LYS A 16 -2.32 -0.29 -9.64
C LYS A 16 -1.58 -0.96 -10.81
N GLN A 17 -1.52 -2.29 -10.78
CA GLN A 17 -0.85 -3.04 -11.83
C GLN A 17 -1.64 -4.31 -12.18
N LEU A 18 -1.06 -5.11 -13.07
CA LEU A 18 -1.70 -6.36 -13.48
C LEU A 18 -1.50 -7.45 -12.45
N GLU A 19 -0.24 -7.68 -12.09
CA GLU A 19 0.08 -8.71 -11.10
C GLU A 19 0.09 -8.13 -9.68
N GLN A 20 0.70 -6.96 -9.54
CA GLN A 20 0.78 -6.30 -8.23
C GLN A 20 -0.62 -5.93 -7.74
N GLN A 21 -1.60 -5.96 -8.64
CA GLN A 21 -2.96 -5.63 -8.29
C GLN A 21 -3.39 -6.34 -7.00
N VAL A 22 -3.17 -7.65 -6.96
CA VAL A 22 -3.52 -8.45 -5.78
C VAL A 22 -2.47 -8.31 -4.69
N THR A 23 -1.27 -7.86 -5.07
CA THR A 23 -0.18 -7.68 -4.12
C THR A 23 -0.42 -6.47 -3.24
N TYR A 24 -0.77 -5.35 -3.85
CA TYR A 24 -1.03 -4.12 -3.13
C TYR A 24 -2.42 -4.13 -2.50
N LEU A 25 -3.37 -4.72 -3.21
CA LEU A 25 -4.74 -4.80 -2.73
C LEU A 25 -4.81 -5.53 -1.39
N GLN A 26 -3.85 -6.41 -1.16
CA GLN A 26 -3.80 -7.18 0.08
C GLN A 26 -2.95 -6.46 1.13
N ALA A 27 -1.79 -5.95 0.72
CA ALA A 27 -0.90 -5.23 1.61
C ALA A 27 -1.25 -3.74 1.66
N LYS A 28 -1.02 -3.06 0.55
CA LYS A 28 -1.31 -1.63 0.46
C LYS A 28 -2.61 -1.29 1.17
N VAL A 29 -3.67 -2.04 0.86
CA VAL A 29 -4.97 -1.82 1.47
C VAL A 29 -4.84 -1.58 2.97
N ALA A 30 -3.84 -2.20 3.57
CA ALA A 30 -3.60 -2.06 5.01
C ALA A 30 -3.23 -0.63 5.37
N TYR A 31 -2.22 -0.09 4.69
CA TYR A 31 -1.76 1.27 4.94
C TYR A 31 -2.60 2.28 4.15
N LEU A 32 -2.68 2.06 2.85
CA LEU A 32 -3.44 2.95 1.97
C LEU A 32 -4.84 3.20 2.55
N GLU A 33 -5.32 2.26 3.35
CA GLU A 33 -6.64 2.39 3.96
C GLU A 33 -6.87 3.81 4.48
N LYS A 34 -5.95 4.29 5.30
CA LYS A 34 -6.05 5.63 5.85
C LYS A 34 -4.80 6.45 5.52
N LEU A 35 -3.65 5.79 5.49
CA LEU A 35 -2.39 6.45 5.19
C LEU A 35 -2.29 6.76 3.69
N ASP A 36 -1.64 5.86 2.95
CA ASP A 36 -1.48 6.04 1.51
C ASP A 36 -0.93 4.76 0.87
N ALA A 37 -0.73 4.81 -0.44
CA ALA A 37 -0.22 3.66 -1.18
C ALA A 37 1.26 3.45 -0.88
N LEU A 38 1.56 3.01 0.33
CA LEU A 38 2.94 2.76 0.74
C LEU A 38 3.00 2.07 2.10
N ILE A 39 4.17 1.54 2.44
CA ILE A 39 4.36 0.86 3.72
C ILE A 39 4.48 1.86 4.86
N GLN A 40 3.51 1.84 5.77
CA GLN A 40 3.52 2.74 6.91
C GLN A 40 3.25 1.99 8.20
N SER A 41 2.02 1.51 8.36
CA SER A 41 1.64 0.77 9.56
C SER A 41 2.60 -0.39 9.81
N LYS A 42 2.45 -1.45 9.02
CA LYS A 42 3.30 -2.63 9.16
C LYS A 42 4.04 -2.92 7.85
N LYS A 43 5.19 -2.29 7.67
CA LYS A 43 5.99 -2.48 6.47
C LYS A 43 6.44 -3.93 6.34
N SER A 44 6.54 -4.41 5.11
CA SER A 44 6.95 -5.78 4.85
C SER A 44 8.30 -6.07 5.51
N PRO A 45 8.61 -7.36 5.70
CA PRO A 45 9.87 -7.80 6.30
C PRO A 45 11.07 -7.55 5.40
N THR A 46 12.26 -7.76 5.94
CA THR A 46 13.49 -7.56 5.18
C THR A 46 13.94 -8.85 4.49
N LYS A 47 14.66 -8.71 3.38
CA LYS A 47 15.14 -9.87 2.64
C LYS A 47 16.40 -10.44 3.30
N LYS A 48 16.79 -11.63 2.87
CA LYS A 48 17.97 -12.29 3.41
C LYS A 48 19.20 -11.40 3.25
N LYS A 49 19.60 -10.75 4.35
CA LYS A 49 20.76 -9.88 4.34
C LYS A 49 22.06 -10.68 4.38
N ARG A 50 22.98 -10.37 3.48
CA ARG A 50 24.26 -11.06 3.42
C ARG A 50 25.20 -10.56 4.51
N LYS A 51 25.64 -11.46 5.37
CA LYS A 51 26.55 -11.11 6.46
C LYS A 51 27.75 -10.34 5.93
N MET A 3 -13.65 6.94 0.24
CA MET A 3 -13.59 8.09 1.14
C MET A 3 -12.15 8.50 1.41
N LYS A 4 -11.68 9.51 0.67
CA LYS A 4 -10.32 10.00 0.84
C LYS A 4 -10.01 10.30 2.30
N ASN A 5 -8.96 9.66 2.82
CA ASN A 5 -8.57 9.86 4.20
C ASN A 5 -8.08 11.29 4.44
N ASN A 6 -8.22 11.77 5.67
CA ASN A 6 -7.80 13.12 6.02
C ASN A 6 -6.28 13.23 6.04
N LYS A 7 -5.66 13.09 4.86
CA LYS A 7 -4.22 13.17 4.75
C LYS A 7 -3.81 13.51 3.31
N ASP A 8 -2.51 13.69 3.10
CA ASP A 8 -1.99 14.02 1.78
C ASP A 8 -2.24 12.87 0.80
N MET A 9 -1.47 11.80 0.93
CA MET A 9 -1.60 10.64 0.06
C MET A 9 -2.93 9.93 0.31
N SER A 10 -3.96 10.33 -0.41
CA SER A 10 -5.29 9.75 -0.26
C SER A 10 -5.36 8.40 -0.99
N LEU A 11 -6.19 7.50 -0.48
CA LEU A 11 -6.36 6.19 -1.09
C LEU A 11 -6.77 6.31 -2.55
N GLU A 12 -7.40 7.43 -2.90
CA GLU A 12 -7.83 7.67 -4.28
C GLU A 12 -6.63 7.80 -5.20
N GLU A 13 -5.45 7.92 -4.62
CA GLU A 13 -4.22 8.05 -5.40
C GLU A 13 -3.76 6.69 -5.92
N LYS A 14 -4.58 5.67 -5.71
CA LYS A 14 -4.26 4.32 -6.15
C LYS A 14 -3.77 4.32 -7.60
N ASN A 15 -2.75 3.51 -7.88
CA ASN A 15 -2.20 3.43 -9.22
C ASN A 15 -1.53 2.07 -9.45
N LYS A 16 -2.04 1.34 -10.44
CA LYS A 16 -1.50 0.02 -10.77
C LYS A 16 -2.22 -0.58 -11.97
N GLN A 17 -1.76 -1.75 -12.41
CA GLN A 17 -2.36 -2.42 -13.55
C GLN A 17 -3.41 -3.43 -13.10
N LEU A 18 -3.87 -4.26 -14.03
CA LEU A 18 -4.87 -5.27 -13.73
C LEU A 18 -4.28 -6.40 -12.89
N GLU A 19 -3.22 -7.01 -13.41
CA GLU A 19 -2.55 -8.11 -12.71
C GLU A 19 -2.16 -7.70 -11.30
N GLN A 20 -1.71 -6.45 -11.15
CA GLN A 20 -1.30 -5.93 -9.86
C GLN A 20 -2.50 -5.49 -9.03
N GLN A 21 -3.65 -5.36 -9.70
CA GLN A 21 -4.88 -4.94 -9.04
C GLN A 21 -5.26 -5.93 -7.93
N VAL A 22 -4.94 -7.20 -8.15
CA VAL A 22 -5.25 -8.24 -7.18
C VAL A 22 -4.20 -8.31 -6.08
N THR A 23 -2.96 -8.00 -6.45
CA THR A 23 -1.86 -8.02 -5.49
C THR A 23 -1.99 -6.90 -4.47
N TYR A 24 -2.05 -5.66 -4.96
CA TYR A 24 -2.18 -4.50 -4.10
C TYR A 24 -3.47 -4.58 -3.27
N LEU A 25 -4.53 -5.04 -3.90
CA LEU A 25 -5.82 -5.17 -3.22
C LEU A 25 -5.71 -6.07 -2.00
N GLN A 26 -4.74 -6.97 -2.02
CA GLN A 26 -4.52 -7.89 -0.90
C GLN A 26 -3.55 -7.30 0.11
N ALA A 27 -2.41 -6.84 -0.37
CA ALA A 27 -1.39 -6.24 0.50
C ALA A 27 -1.65 -4.74 0.69
N LYS A 28 -1.48 -3.97 -0.38
CA LYS A 28 -1.68 -2.53 -0.33
C LYS A 28 -2.90 -2.20 0.55
N VAL A 29 -4.00 -2.89 0.31
CA VAL A 29 -5.22 -2.67 1.07
C VAL A 29 -4.92 -2.49 2.56
N ALA A 30 -3.89 -3.18 3.03
CA ALA A 30 -3.49 -3.10 4.43
C ALA A 30 -3.14 -1.67 4.82
N TYR A 31 -2.26 -1.06 4.05
CA TYR A 31 -1.83 0.31 4.32
C TYR A 31 -2.81 1.32 3.72
N LEU A 32 -3.18 1.10 2.46
CA LEU A 32 -4.11 1.98 1.77
C LEU A 32 -5.35 2.23 2.61
N GLU A 33 -5.70 1.25 3.46
CA GLU A 33 -6.86 1.37 4.32
C GLU A 33 -6.96 2.75 4.93
N LYS A 34 -5.82 3.27 5.39
CA LYS A 34 -5.77 4.60 6.00
C LYS A 34 -4.72 5.47 5.32
N LEU A 35 -3.57 4.87 5.02
CA LEU A 35 -2.48 5.59 4.38
C LEU A 35 -2.76 5.77 2.89
N ASP A 36 -2.22 4.87 2.07
CA ASP A 36 -2.42 4.92 0.64
C ASP A 36 -1.92 3.65 -0.03
N ALA A 37 -1.91 3.65 -1.36
CA ALA A 37 -1.46 2.49 -2.12
C ALA A 37 0.06 2.35 -2.06
N LEU A 38 0.57 2.00 -0.88
CA LEU A 38 2.01 1.84 -0.68
C LEU A 38 2.31 1.24 0.68
N ILE A 39 3.54 0.76 0.87
CA ILE A 39 3.94 0.17 2.13
C ILE A 39 4.23 1.24 3.17
N GLN A 40 3.43 1.25 4.23
CA GLN A 40 3.61 2.22 5.31
C GLN A 40 3.50 1.55 6.68
N SER A 41 2.30 1.07 7.00
CA SER A 41 2.06 0.41 8.28
C SER A 41 3.10 -0.66 8.53
N LYS A 42 2.97 -1.79 7.84
CA LYS A 42 3.90 -2.90 7.99
C LYS A 42 4.52 -3.27 6.65
N LYS A 43 5.60 -2.58 6.29
CA LYS A 43 6.29 -2.84 5.03
C LYS A 43 6.86 -4.26 5.01
N SER A 44 6.83 -4.87 3.83
CA SER A 44 7.33 -6.23 3.67
C SER A 44 8.75 -6.35 4.22
N PRO A 45 9.18 -7.59 4.50
CA PRO A 45 10.51 -7.87 5.03
C PRO A 45 11.61 -7.62 4.01
N THR A 46 12.64 -6.89 4.40
CA THR A 46 13.75 -6.58 3.51
C THR A 46 14.83 -7.66 3.60
N LYS A 47 15.57 -7.82 2.51
CA LYS A 47 16.64 -8.81 2.46
C LYS A 47 17.63 -8.61 3.59
N LYS A 48 17.92 -9.68 4.33
CA LYS A 48 18.85 -9.62 5.44
C LYS A 48 20.22 -9.16 4.97
N LYS A 49 20.52 -7.88 5.17
CA LYS A 49 21.81 -7.32 4.77
C LYS A 49 22.90 -7.73 5.75
N ARG A 50 24.08 -8.04 5.20
CA ARG A 50 25.22 -8.46 6.03
C ARG A 50 25.49 -7.44 7.13
N LYS A 51 25.13 -7.79 8.36
CA LYS A 51 25.33 -6.90 9.49
C LYS A 51 26.78 -6.41 9.55
N MET A 3 -14.21 6.61 -1.98
CA MET A 3 -14.52 7.82 -1.21
C MET A 3 -13.25 8.47 -0.69
N LYS A 4 -12.76 9.47 -1.42
CA LYS A 4 -11.55 10.18 -1.03
C LYS A 4 -11.65 10.66 0.42
N ASN A 5 -10.95 9.96 1.31
CA ASN A 5 -10.95 10.31 2.73
C ASN A 5 -10.54 11.76 2.93
N ASN A 6 -10.95 12.34 4.06
CA ASN A 6 -10.61 13.72 4.37
C ASN A 6 -9.13 13.87 4.68
N LYS A 7 -8.30 13.80 3.64
CA LYS A 7 -6.86 13.93 3.80
C LYS A 7 -6.21 14.34 2.48
N ASP A 8 -4.90 14.57 2.53
CA ASP A 8 -4.15 14.98 1.33
C ASP A 8 -4.05 13.82 0.34
N MET A 9 -3.16 12.87 0.63
CA MET A 9 -2.96 11.72 -0.23
C MET A 9 -4.19 10.81 -0.21
N SER A 10 -5.12 11.06 -1.13
CA SER A 10 -6.34 10.27 -1.22
C SER A 10 -6.03 8.84 -1.64
N LEU A 11 -6.92 7.92 -1.28
CA LEU A 11 -6.73 6.51 -1.62
C LEU A 11 -6.84 6.30 -3.12
N GLU A 12 -7.67 7.10 -3.78
CA GLU A 12 -7.85 7.01 -5.22
C GLU A 12 -6.52 7.16 -5.95
N GLU A 13 -5.58 7.86 -5.32
CA GLU A 13 -4.26 8.08 -5.90
C GLU A 13 -3.43 6.79 -5.88
N LYS A 14 -3.84 5.85 -5.04
CA LYS A 14 -3.14 4.57 -4.93
C LYS A 14 -2.87 3.98 -6.31
N ASN A 15 -1.71 3.33 -6.44
CA ASN A 15 -1.33 2.71 -7.71
C ASN A 15 -1.38 1.18 -7.62
N LYS A 16 -0.85 0.52 -8.63
CA LYS A 16 -0.84 -0.94 -8.67
C LYS A 16 -0.05 -1.45 -9.87
N GLN A 17 0.28 -2.73 -9.86
CA GLN A 17 1.02 -3.34 -10.95
C GLN A 17 0.39 -4.66 -11.38
N LEU A 18 1.06 -5.37 -12.28
CA LEU A 18 0.56 -6.65 -12.78
C LEU A 18 0.63 -7.72 -11.69
N GLU A 19 1.82 -7.90 -11.13
CA GLU A 19 2.01 -8.90 -10.07
C GLU A 19 1.73 -8.29 -8.69
N GLN A 20 2.18 -7.05 -8.50
CA GLN A 20 1.98 -6.36 -7.23
C GLN A 20 0.50 -6.13 -6.97
N GLN A 21 -0.32 -6.27 -8.01
CA GLN A 21 -1.75 -6.07 -7.90
C GLN A 21 -2.32 -6.83 -6.70
N VAL A 22 -1.89 -8.08 -6.54
CA VAL A 22 -2.35 -8.91 -5.44
C VAL A 22 -1.60 -8.58 -4.15
N THR A 23 -0.41 -8.00 -4.31
CA THR A 23 0.42 -7.64 -3.15
C THR A 23 -0.15 -6.42 -2.44
N TYR A 24 -0.51 -5.40 -3.21
CA TYR A 24 -1.07 -4.18 -2.66
C TYR A 24 -2.54 -4.34 -2.32
N LEU A 25 -3.25 -5.10 -3.15
CA LEU A 25 -4.67 -5.35 -2.93
C LEU A 25 -4.92 -5.98 -1.57
N GLN A 26 -3.94 -6.74 -1.10
CA GLN A 26 -4.05 -7.41 0.20
C GLN A 26 -3.46 -6.54 1.31
N ALA A 27 -2.32 -5.92 1.02
CA ALA A 27 -1.66 -5.07 2.00
C ALA A 27 -2.18 -3.64 1.91
N LYS A 28 -1.89 -2.97 0.80
CA LYS A 28 -2.32 -1.59 0.58
C LYS A 28 -3.76 -1.40 1.07
N VAL A 29 -4.64 -2.32 0.68
CA VAL A 29 -6.04 -2.25 1.07
C VAL A 29 -6.18 -1.96 2.55
N ALA A 30 -5.18 -2.38 3.33
CA ALA A 30 -5.19 -2.16 4.78
C ALA A 30 -4.70 -0.76 5.12
N TYR A 31 -3.58 -0.37 4.53
CA TYR A 31 -3.01 0.95 4.79
C TYR A 31 -3.74 2.02 3.99
N LEU A 32 -3.70 1.90 2.67
CA LEU A 32 -4.37 2.86 1.80
C LEU A 32 -5.80 3.14 2.27
N GLU A 33 -6.38 2.16 2.96
CA GLU A 33 -7.74 2.30 3.47
C GLU A 33 -7.97 3.70 4.04
N LYS A 34 -7.13 4.09 4.98
CA LYS A 34 -7.24 5.41 5.60
C LYS A 34 -5.95 6.20 5.43
N LEU A 35 -4.82 5.50 5.45
CA LEU A 35 -3.52 6.14 5.29
C LEU A 35 -3.27 6.52 3.83
N ASP A 36 -2.59 5.64 3.11
CA ASP A 36 -2.29 5.87 1.70
C ASP A 36 -1.69 4.63 1.06
N ALA A 37 -1.33 4.75 -0.22
CA ALA A 37 -0.75 3.63 -0.95
C ALA A 37 0.69 3.37 -0.50
N LEU A 38 0.83 2.84 0.71
CA LEU A 38 2.15 2.54 1.26
C LEU A 38 2.04 1.76 2.56
N ILE A 39 3.14 1.19 3.01
CA ILE A 39 3.17 0.41 4.24
C ILE A 39 3.17 1.32 5.46
N GLN A 40 2.10 1.26 6.24
CA GLN A 40 1.98 2.08 7.44
C GLN A 40 1.57 1.24 8.65
N SER A 41 0.32 0.77 8.64
CA SER A 41 -0.19 -0.05 9.72
C SER A 41 0.73 -1.23 9.99
N LYS A 42 0.68 -2.22 9.11
CA LYS A 42 1.51 -3.42 9.25
C LYS A 42 2.40 -3.61 8.03
N LYS A 43 3.56 -2.97 8.04
CA LYS A 43 4.51 -3.07 6.93
C LYS A 43 4.98 -4.52 6.74
N SER A 44 5.22 -4.90 5.49
CA SER A 44 5.67 -6.25 5.19
C SER A 44 7.05 -6.51 5.76
N PRO A 45 7.40 -7.80 5.91
CA PRO A 45 8.70 -8.21 6.45
C PRO A 45 9.85 -7.89 5.50
N THR A 46 10.90 -7.27 6.02
CA THR A 46 12.06 -6.91 5.22
C THR A 46 13.09 -8.03 5.23
N LYS A 47 13.92 -8.07 4.18
CA LYS A 47 14.96 -9.10 4.07
C LYS A 47 16.34 -8.46 4.15
N LYS A 48 17.36 -9.31 4.31
CA LYS A 48 18.74 -8.84 4.40
C LYS A 48 19.46 -9.03 3.07
N LYS A 49 20.07 -7.96 2.58
CA LYS A 49 20.80 -8.02 1.32
C LYS A 49 22.03 -8.91 1.43
N ARG A 50 22.29 -9.69 0.40
CA ARG A 50 23.44 -10.59 0.39
C ARG A 50 24.74 -9.82 0.20
N LYS A 51 25.70 -10.06 1.09
CA LYS A 51 26.99 -9.38 1.01
C LYS A 51 27.60 -9.51 -0.38
N MET A 3 -13.21 7.59 -0.58
CA MET A 3 -13.28 9.04 -0.75
C MET A 3 -12.04 9.73 -0.18
N LYS A 4 -11.71 10.88 -0.73
CA LYS A 4 -10.54 11.64 -0.28
C LYS A 4 -10.59 11.86 1.23
N ASN A 5 -9.82 11.08 1.96
CA ASN A 5 -9.78 11.20 3.42
C ASN A 5 -9.18 12.54 3.83
N ASN A 6 -9.39 12.91 5.10
CA ASN A 6 -8.87 14.17 5.62
C ASN A 6 -7.38 14.31 5.33
N LYS A 7 -6.67 13.19 5.35
CA LYS A 7 -5.24 13.19 5.09
C LYS A 7 -4.93 13.85 3.76
N ASP A 8 -3.64 13.99 3.46
CA ASP A 8 -3.21 14.61 2.21
C ASP A 8 -3.34 13.63 1.04
N MET A 9 -2.43 12.68 0.99
CA MET A 9 -2.43 11.68 -0.08
C MET A 9 -3.65 10.77 0.03
N SER A 10 -4.73 11.16 -0.64
CA SER A 10 -5.97 10.37 -0.60
C SER A 10 -5.75 8.98 -1.17
N LEU A 11 -6.51 8.02 -0.67
CA LEU A 11 -6.40 6.63 -1.12
C LEU A 11 -6.57 6.54 -2.63
N GLU A 12 -7.48 7.35 -3.17
CA GLU A 12 -7.73 7.35 -4.61
C GLU A 12 -6.44 7.55 -5.40
N GLU A 13 -5.48 8.23 -4.77
CA GLU A 13 -4.18 8.49 -5.41
C GLU A 13 -3.51 7.18 -5.80
N LYS A 14 -3.86 6.10 -5.12
CA LYS A 14 -3.29 4.79 -5.38
C LYS A 14 -3.30 4.49 -6.87
N ASN A 15 -2.31 3.70 -7.33
CA ASN A 15 -2.21 3.34 -8.74
C ASN A 15 -1.31 2.13 -8.92
N LYS A 16 -1.69 1.25 -9.84
CA LYS A 16 -0.93 0.05 -10.12
C LYS A 16 -1.53 -0.74 -11.28
N GLN A 17 -0.94 -1.88 -11.59
CA GLN A 17 -1.42 -2.72 -12.68
C GLN A 17 -2.58 -3.60 -12.21
N LEU A 18 -3.33 -4.14 -13.17
CA LEU A 18 -4.46 -5.00 -12.85
C LEU A 18 -4.00 -6.41 -12.50
N GLU A 19 -2.94 -6.86 -13.17
CA GLU A 19 -2.40 -8.19 -12.92
C GLU A 19 -1.92 -8.33 -11.48
N GLN A 20 -1.04 -7.44 -11.07
CA GLN A 20 -0.50 -7.46 -9.71
C GLN A 20 -1.49 -6.85 -8.73
N GLN A 21 -2.56 -6.26 -9.26
CA GLN A 21 -3.59 -5.64 -8.43
C GLN A 21 -3.90 -6.51 -7.20
N VAL A 22 -3.84 -7.82 -7.39
CA VAL A 22 -4.11 -8.76 -6.31
C VAL A 22 -3.11 -8.60 -5.17
N THR A 23 -1.83 -8.50 -5.53
CA THR A 23 -0.77 -8.35 -4.54
C THR A 23 -1.04 -7.15 -3.64
N TYR A 24 -1.22 -5.98 -4.24
CA TYR A 24 -1.48 -4.76 -3.50
C TYR A 24 -2.83 -4.83 -2.79
N LEU A 25 -3.89 -5.05 -3.57
CA LEU A 25 -5.24 -5.14 -3.01
C LEU A 25 -5.26 -6.05 -1.79
N GLN A 26 -4.29 -6.95 -1.71
CA GLN A 26 -4.20 -7.88 -0.58
C GLN A 26 -3.44 -7.25 0.58
N ALA A 27 -2.20 -6.87 0.33
CA ALA A 27 -1.37 -6.25 1.35
C ALA A 27 -1.55 -4.73 1.37
N LYS A 28 -1.19 -4.08 0.27
CA LYS A 28 -1.32 -2.64 0.16
C LYS A 28 -2.61 -2.14 0.81
N VAL A 29 -3.71 -2.84 0.52
CA VAL A 29 -5.01 -2.48 1.08
C VAL A 29 -4.90 -2.19 2.57
N ALA A 30 -3.99 -2.89 3.25
CA ALA A 30 -3.79 -2.70 4.68
C ALA A 30 -3.42 -1.27 4.99
N TYR A 31 -2.40 -0.76 4.30
CA TYR A 31 -1.95 0.61 4.51
C TYR A 31 -2.81 1.61 3.74
N LEU A 32 -2.99 1.35 2.45
CA LEU A 32 -3.81 2.21 1.61
C LEU A 32 -5.16 2.51 2.26
N GLU A 33 -5.62 1.57 3.08
CA GLU A 33 -6.90 1.73 3.77
C GLU A 33 -7.06 3.14 4.30
N LYS A 34 -6.07 3.60 5.06
CA LYS A 34 -6.10 4.95 5.63
C LYS A 34 -4.88 5.75 5.18
N LEU A 35 -3.73 5.11 5.19
CA LEU A 35 -2.49 5.77 4.78
C LEU A 35 -2.48 6.04 3.28
N ASP A 36 -1.84 5.15 2.53
CA ASP A 36 -1.76 5.30 1.07
C ASP A 36 -1.24 4.02 0.43
N ALA A 37 -1.07 4.05 -0.88
CA ALA A 37 -0.58 2.89 -1.63
C ALA A 37 0.90 2.67 -1.38
N LEU A 38 1.24 2.24 -0.16
CA LEU A 38 2.63 2.00 0.20
C LEU A 38 2.72 1.34 1.58
N ILE A 39 3.88 0.75 1.87
CA ILE A 39 4.09 0.09 3.16
C ILE A 39 4.31 1.11 4.27
N GLN A 40 3.40 1.14 5.22
CA GLN A 40 3.49 2.07 6.35
C GLN A 40 3.28 1.34 7.67
N SER A 41 2.03 0.93 7.92
CA SER A 41 1.69 0.23 9.16
C SER A 41 2.62 -0.96 9.38
N LYS A 42 2.38 -2.03 8.64
CA LYS A 42 3.20 -3.23 8.75
C LYS A 42 3.84 -3.59 7.41
N LYS A 43 5.00 -3.01 7.14
CA LYS A 43 5.72 -3.27 5.91
C LYS A 43 6.09 -4.75 5.79
N SER A 44 6.09 -5.26 4.57
CA SER A 44 6.43 -6.65 4.32
C SER A 44 7.84 -6.97 4.83
N PRO A 45 8.13 -8.26 5.04
CA PRO A 45 9.42 -8.72 5.52
C PRO A 45 10.52 -8.56 4.49
N THR A 46 11.64 -7.96 4.90
CA THR A 46 12.77 -7.74 4.00
C THR A 46 13.76 -8.89 4.07
N LYS A 47 14.51 -9.10 2.99
CA LYS A 47 15.50 -10.17 2.93
C LYS A 47 16.63 -9.92 3.93
N LYS A 48 17.43 -10.95 4.17
CA LYS A 48 18.54 -10.85 5.11
C LYS A 48 19.49 -9.73 4.71
N LYS A 49 19.53 -8.67 5.52
CA LYS A 49 20.39 -7.53 5.26
C LYS A 49 21.85 -7.85 5.64
N ARG A 50 22.77 -7.42 4.78
CA ARG A 50 24.19 -7.66 5.02
C ARG A 50 24.74 -6.68 6.06
N LYS A 51 24.96 -7.17 7.27
CA LYS A 51 25.48 -6.33 8.35
C LYS A 51 26.74 -5.60 7.90
N MET A 3 -14.38 5.06 0.49
CA MET A 3 -14.57 6.46 0.09
C MET A 3 -13.34 7.29 0.43
N LYS A 4 -13.03 8.25 -0.44
CA LYS A 4 -11.88 9.12 -0.22
C LYS A 4 -11.90 9.72 1.17
N ASN A 5 -10.80 9.53 1.91
CA ASN A 5 -10.69 10.06 3.26
C ASN A 5 -10.69 11.58 3.26
N ASN A 6 -11.08 12.18 4.37
CA ASN A 6 -11.12 13.63 4.51
C ASN A 6 -9.71 14.21 4.59
N LYS A 7 -8.94 14.05 3.51
CA LYS A 7 -7.58 14.55 3.47
C LYS A 7 -7.12 14.73 2.02
N ASP A 8 -5.90 15.26 1.86
CA ASP A 8 -5.35 15.47 0.53
C ASP A 8 -4.98 14.15 -0.14
N MET A 9 -4.15 13.36 0.54
CA MET A 9 -3.74 12.07 0.01
C MET A 9 -4.92 11.10 -0.03
N SER A 10 -5.64 11.10 -1.15
CA SER A 10 -6.79 10.22 -1.32
C SER A 10 -6.34 8.80 -1.67
N LEU A 11 -7.06 7.81 -1.14
CA LEU A 11 -6.74 6.41 -1.39
C LEU A 11 -6.96 6.06 -2.86
N GLU A 12 -7.92 6.73 -3.48
CA GLU A 12 -8.23 6.49 -4.88
C GLU A 12 -6.97 6.61 -5.74
N GLU A 13 -6.03 7.42 -5.29
CA GLU A 13 -4.79 7.63 -6.02
C GLU A 13 -4.04 6.31 -6.22
N LYS A 14 -4.38 5.33 -5.39
CA LYS A 14 -3.75 4.02 -5.47
C LYS A 14 -3.67 3.54 -6.92
N ASN A 15 -2.61 2.79 -7.23
CA ASN A 15 -2.42 2.27 -8.58
C ASN A 15 -1.13 1.46 -8.67
N LYS A 16 -1.17 0.38 -9.45
CA LYS A 16 -0.01 -0.48 -9.62
C LYS A 16 -0.01 -1.12 -11.01
N GLN A 17 -0.85 -2.13 -11.19
CA GLN A 17 -0.94 -2.82 -12.48
C GLN A 17 -2.16 -3.74 -12.51
N LEU A 18 -2.29 -4.51 -13.58
CA LEU A 18 -3.40 -5.43 -13.74
C LEU A 18 -3.18 -6.69 -12.91
N GLU A 19 -1.94 -7.11 -12.80
CA GLU A 19 -1.59 -8.30 -12.03
C GLU A 19 -1.39 -7.97 -10.56
N GLN A 20 -0.62 -6.93 -10.30
CA GLN A 20 -0.34 -6.50 -8.93
C GLN A 20 -1.60 -5.93 -8.27
N GLN A 21 -2.60 -5.60 -9.10
CA GLN A 21 -3.85 -5.05 -8.60
C GLN A 21 -4.39 -5.88 -7.44
N VAL A 22 -4.38 -7.20 -7.62
CA VAL A 22 -4.88 -8.10 -6.59
C VAL A 22 -3.84 -8.31 -5.49
N THR A 23 -2.58 -8.04 -5.82
CA THR A 23 -1.49 -8.20 -4.87
C THR A 23 -1.51 -7.09 -3.83
N TYR A 24 -1.69 -5.86 -4.29
CA TYR A 24 -1.73 -4.70 -3.40
C TYR A 24 -3.11 -4.55 -2.75
N LEU A 25 -4.14 -4.81 -3.54
CA LEU A 25 -5.52 -4.71 -3.05
C LEU A 25 -5.72 -5.61 -1.83
N GLN A 26 -4.91 -6.65 -1.72
CA GLN A 26 -5.00 -7.58 -0.61
C GLN A 26 -4.10 -7.14 0.54
N ALA A 27 -2.86 -6.79 0.22
CA ALA A 27 -1.90 -6.36 1.23
C ALA A 27 -1.97 -4.85 1.43
N LYS A 28 -1.59 -4.09 0.41
CA LYS A 28 -1.62 -2.64 0.48
C LYS A 28 -2.86 -2.15 1.21
N VAL A 29 -3.96 -2.87 1.05
CA VAL A 29 -5.22 -2.51 1.70
C VAL A 29 -4.99 -2.11 3.15
N ALA A 30 -3.97 -2.72 3.77
CA ALA A 30 -3.65 -2.43 5.16
C ALA A 30 -3.30 -0.96 5.36
N TYR A 31 -2.36 -0.47 4.55
CA TYR A 31 -1.93 0.92 4.64
C TYR A 31 -2.86 1.83 3.84
N LEU A 32 -3.12 1.46 2.58
CA LEU A 32 -4.00 2.23 1.72
C LEU A 32 -5.34 2.50 2.41
N GLU A 33 -5.69 1.65 3.36
CA GLU A 33 -6.94 1.81 4.09
C GLU A 33 -7.19 3.26 4.46
N LYS A 34 -6.23 3.87 5.15
CA LYS A 34 -6.34 5.26 5.57
C LYS A 34 -5.16 6.08 5.04
N LEU A 35 -3.96 5.50 5.12
CA LEU A 35 -2.76 6.17 4.65
C LEU A 35 -2.79 6.36 3.13
N ASP A 36 -2.22 5.41 2.41
CA ASP A 36 -2.19 5.47 0.95
C ASP A 36 -1.63 4.17 0.37
N ALA A 37 -1.56 4.12 -0.96
CA ALA A 37 -1.05 2.94 -1.64
C ALA A 37 0.46 2.82 -1.47
N LEU A 38 0.89 2.49 -0.26
CA LEU A 38 2.32 2.34 0.03
C LEU A 38 2.52 1.75 1.42
N ILE A 39 3.75 1.32 1.70
CA ILE A 39 4.09 0.75 2.99
C ILE A 39 4.24 1.83 4.06
N GLN A 40 3.34 1.82 5.03
CA GLN A 40 3.37 2.79 6.12
C GLN A 40 3.23 2.11 7.47
N SER A 41 2.04 1.61 7.76
CA SER A 41 1.77 0.92 9.02
C SER A 41 2.81 -0.16 9.28
N LYS A 42 2.67 -1.29 8.59
CA LYS A 42 3.59 -2.40 8.75
C LYS A 42 4.24 -2.76 7.41
N LYS A 43 5.35 -2.08 7.10
CA LYS A 43 6.06 -2.33 5.86
C LYS A 43 6.59 -3.77 5.81
N SER A 44 6.60 -4.35 4.62
CA SER A 44 7.07 -5.72 4.44
C SER A 44 8.47 -5.89 5.03
N PRO A 45 8.84 -7.15 5.29
CA PRO A 45 10.15 -7.49 5.86
C PRO A 45 11.29 -7.25 4.88
N THR A 46 12.32 -6.55 5.33
CA THR A 46 13.47 -6.25 4.49
C THR A 46 14.36 -7.48 4.32
N LYS A 47 14.95 -7.61 3.13
CA LYS A 47 15.83 -8.75 2.84
C LYS A 47 17.13 -8.64 3.63
N LYS A 48 17.58 -9.77 4.17
CA LYS A 48 18.82 -9.80 4.94
C LYS A 48 19.99 -10.22 4.06
N LYS A 49 20.89 -9.27 3.80
CA LYS A 49 22.06 -9.54 2.98
C LYS A 49 23.06 -10.42 3.71
N ARG A 50 23.81 -11.22 2.95
CA ARG A 50 24.80 -12.12 3.55
C ARG A 50 25.80 -11.34 4.38
N LYS A 51 26.15 -11.90 5.54
CA LYS A 51 27.10 -11.26 6.44
C LYS A 51 28.38 -10.89 5.70
N MET A 3 -15.13 3.81 -0.75
CA MET A 3 -13.72 3.57 -0.49
C MET A 3 -12.95 4.89 -0.45
N LYS A 4 -12.91 5.58 -1.59
CA LYS A 4 -12.20 6.85 -1.68
C LYS A 4 -12.62 7.79 -0.56
N ASN A 5 -11.66 8.22 0.25
CA ASN A 5 -11.94 9.13 1.36
C ASN A 5 -12.56 10.42 0.86
N ASN A 6 -13.32 11.08 1.73
CA ASN A 6 -13.99 12.32 1.38
C ASN A 6 -12.99 13.32 0.79
N LYS A 7 -11.76 13.28 1.30
CA LYS A 7 -10.71 14.18 0.82
C LYS A 7 -10.54 14.07 -0.69
N ASP A 8 -9.67 14.90 -1.25
CA ASP A 8 -9.42 14.90 -2.69
C ASP A 8 -8.56 13.71 -3.08
N MET A 9 -7.34 13.66 -2.55
CA MET A 9 -6.42 12.57 -2.86
C MET A 9 -6.92 11.25 -2.28
N SER A 10 -7.71 10.53 -3.07
CA SER A 10 -8.26 9.25 -2.63
C SER A 10 -7.15 8.25 -2.34
N LEU A 11 -7.48 7.24 -1.54
CA LEU A 11 -6.51 6.20 -1.18
C LEU A 11 -6.03 5.44 -2.42
N GLU A 12 -6.97 5.12 -3.30
CA GLU A 12 -6.65 4.40 -4.52
C GLU A 12 -6.06 5.34 -5.57
N GLU A 13 -6.37 6.62 -5.45
CA GLU A 13 -5.87 7.63 -6.39
C GLU A 13 -4.34 7.64 -6.40
N LYS A 14 -3.74 7.19 -5.30
CA LYS A 14 -2.29 7.16 -5.19
C LYS A 14 -1.66 6.51 -6.41
N ASN A 15 -1.67 5.18 -6.45
CA ASN A 15 -1.12 4.43 -7.57
C ASN A 15 -1.22 2.93 -7.34
N LYS A 16 -0.98 2.16 -8.39
CA LYS A 16 -1.05 0.70 -8.31
C LYS A 16 -0.69 0.06 -9.64
N GLN A 17 0.05 -1.04 -9.57
CA GLN A 17 0.47 -1.76 -10.77
C GLN A 17 -0.64 -2.66 -11.28
N LEU A 18 -0.34 -3.43 -12.32
CA LEU A 18 -1.31 -4.35 -12.90
C LEU A 18 -1.44 -5.62 -12.06
N GLU A 19 -0.29 -6.20 -11.73
CA GLU A 19 -0.27 -7.43 -10.93
C GLU A 19 -0.24 -7.11 -9.44
N GLN A 20 0.55 -6.11 -9.08
CA GLN A 20 0.67 -5.71 -7.67
C GLN A 20 -0.67 -5.19 -7.14
N GLN A 21 -1.59 -4.89 -8.05
CA GLN A 21 -2.91 -4.40 -7.67
C GLN A 21 -3.51 -5.27 -6.56
N VAL A 22 -3.32 -6.57 -6.67
CA VAL A 22 -3.84 -7.50 -5.67
C VAL A 22 -2.90 -7.61 -4.48
N THR A 23 -1.62 -7.37 -4.72
CA THR A 23 -0.62 -7.45 -3.67
C THR A 23 -0.77 -6.30 -2.67
N TYR A 24 -0.98 -5.11 -3.19
CA TYR A 24 -1.14 -3.93 -2.34
C TYR A 24 -2.56 -3.85 -1.80
N LEU A 25 -3.53 -4.24 -2.62
CA LEU A 25 -4.93 -4.21 -2.21
C LEU A 25 -5.15 -5.07 -0.98
N GLN A 26 -4.30 -6.06 -0.78
CA GLN A 26 -4.40 -6.95 0.37
C GLN A 26 -3.58 -6.43 1.55
N ALA A 27 -2.35 -6.00 1.26
CA ALA A 27 -1.46 -5.48 2.29
C ALA A 27 -1.64 -3.97 2.45
N LYS A 28 -1.23 -3.23 1.43
CA LYS A 28 -1.35 -1.77 1.45
C LYS A 28 -2.67 -1.34 2.09
N VAL A 29 -3.71 -2.15 1.90
CA VAL A 29 -5.01 -1.84 2.46
C VAL A 29 -4.91 -1.39 3.91
N ALA A 30 -3.87 -1.86 4.59
CA ALA A 30 -3.64 -1.51 5.99
C ALA A 30 -3.28 -0.04 6.12
N TYR A 31 -2.25 0.39 5.39
CA TYR A 31 -1.80 1.77 5.42
C TYR A 31 -2.61 2.64 4.47
N LEU A 32 -2.66 2.22 3.21
CA LEU A 32 -3.41 2.96 2.19
C LEU A 32 -4.83 3.26 2.67
N GLU A 33 -5.33 2.45 3.60
CA GLU A 33 -6.66 2.64 4.14
C GLU A 33 -6.95 4.12 4.40
N LYS A 34 -6.13 4.73 5.23
CA LYS A 34 -6.29 6.15 5.56
C LYS A 34 -5.00 6.93 5.26
N LEU A 35 -3.88 6.42 5.78
CA LEU A 35 -2.59 7.06 5.56
C LEU A 35 -2.36 7.34 4.08
N ASP A 36 -1.79 6.37 3.39
CA ASP A 36 -1.52 6.50 1.96
C ASP A 36 -0.94 5.20 1.40
N ALA A 37 -0.74 5.18 0.08
CA ALA A 37 -0.19 4.00 -0.59
C ALA A 37 1.29 3.84 -0.26
N LEU A 38 1.58 3.46 0.97
CA LEU A 38 2.97 3.27 1.41
C LEU A 38 3.02 2.62 2.79
N ILE A 39 4.23 2.25 3.22
CA ILE A 39 4.40 1.61 4.52
C ILE A 39 4.36 2.65 5.64
N GLN A 40 3.35 2.55 6.49
CA GLN A 40 3.18 3.48 7.60
C GLN A 40 2.96 2.72 8.91
N SER A 41 1.80 2.09 9.04
CA SER A 41 1.47 1.34 10.24
C SER A 41 2.51 0.28 10.53
N LYS A 42 2.49 -0.80 9.74
CA LYS A 42 3.44 -1.89 9.90
C LYS A 42 4.27 -2.08 8.63
N LYS A 43 5.37 -1.35 8.53
CA LYS A 43 6.24 -1.45 7.37
C LYS A 43 6.83 -2.86 7.24
N SER A 44 6.89 -3.35 6.02
CA SER A 44 7.43 -4.68 5.76
C SER A 44 8.81 -4.84 6.39
N PRO A 45 9.22 -6.11 6.57
CA PRO A 45 10.53 -6.43 7.18
C PRO A 45 11.69 -6.08 6.25
N THR A 46 12.90 -6.17 6.77
CA THR A 46 14.10 -5.86 5.99
C THR A 46 14.65 -7.12 5.31
N LYS A 47 15.21 -6.94 4.13
CA LYS A 47 15.79 -8.05 3.38
C LYS A 47 16.95 -8.68 4.13
N LYS A 48 16.89 -10.00 4.30
CA LYS A 48 17.94 -10.72 5.00
C LYS A 48 19.21 -10.80 4.16
N LYS A 49 20.36 -10.94 4.83
CA LYS A 49 21.64 -11.03 4.14
C LYS A 49 21.71 -12.29 3.27
N ARG A 50 22.34 -12.17 2.12
CA ARG A 50 22.49 -13.29 1.21
C ARG A 50 23.34 -14.39 1.82
N LYS A 51 22.99 -15.64 1.53
CA LYS A 51 23.74 -16.78 2.06
C LYS A 51 23.08 -18.10 1.63
N MET A 3 -13.41 2.63 0.54
CA MET A 3 -13.98 3.72 -0.25
C MET A 3 -13.02 4.92 -0.27
N LYS A 4 -12.98 5.61 -1.40
CA LYS A 4 -12.11 6.77 -1.56
C LYS A 4 -12.31 7.76 -0.41
N ASN A 5 -11.20 8.16 0.21
CA ASN A 5 -11.26 9.11 1.32
C ASN A 5 -11.86 10.44 0.88
N ASN A 6 -12.75 10.97 1.70
CA ASN A 6 -13.40 12.24 1.39
C ASN A 6 -12.37 13.31 1.06
N LYS A 7 -11.22 13.24 1.72
CA LYS A 7 -10.14 14.20 1.51
C LYS A 7 -9.78 14.28 0.03
N ASP A 8 -8.87 15.19 -0.30
CA ASP A 8 -8.43 15.36 -1.68
C ASP A 8 -7.70 14.12 -2.18
N MET A 9 -6.49 13.91 -1.67
CA MET A 9 -5.68 12.75 -2.06
C MET A 9 -6.31 11.46 -1.58
N SER A 10 -7.19 10.89 -2.40
CA SER A 10 -7.87 9.65 -2.05
C SER A 10 -6.89 8.47 -2.04
N LEU A 11 -7.25 7.41 -1.34
CA LEU A 11 -6.40 6.23 -1.23
C LEU A 11 -6.29 5.53 -2.59
N GLU A 12 -7.37 5.58 -3.37
CA GLU A 12 -7.39 4.95 -4.69
C GLU A 12 -6.65 5.82 -5.70
N GLU A 13 -6.56 7.11 -5.42
CA GLU A 13 -5.87 8.04 -6.32
C GLU A 13 -4.43 7.63 -6.53
N LYS A 14 -3.88 6.89 -5.56
CA LYS A 14 -2.50 6.44 -5.65
C LYS A 14 -2.27 5.63 -6.93
N ASN A 15 -1.03 5.15 -7.10
CA ASN A 15 -0.68 4.36 -8.28
C ASN A 15 -0.91 2.87 -8.02
N LYS A 16 -0.71 2.07 -9.06
CA LYS A 16 -0.89 0.62 -8.95
C LYS A 16 -0.59 -0.07 -10.29
N GLN A 17 0.00 -1.26 -10.22
CA GLN A 17 0.32 -2.02 -11.41
C GLN A 17 -0.84 -2.89 -11.85
N LEU A 18 -0.63 -3.69 -12.88
CA LEU A 18 -1.66 -4.58 -13.39
C LEU A 18 -1.79 -5.83 -12.52
N GLU A 19 -0.65 -6.45 -12.23
CA GLU A 19 -0.62 -7.66 -11.42
C GLU A 19 -0.56 -7.31 -9.93
N GLN A 20 0.25 -6.31 -9.61
CA GLN A 20 0.42 -5.88 -8.23
C GLN A 20 -0.89 -5.36 -7.66
N GLN A 21 -1.84 -5.05 -8.55
CA GLN A 21 -3.13 -4.54 -8.14
C GLN A 21 -3.76 -5.42 -7.05
N VAL A 22 -3.55 -6.72 -7.18
CA VAL A 22 -4.08 -7.68 -6.21
C VAL A 22 -3.15 -7.82 -5.01
N THR A 23 -1.88 -7.53 -5.22
CA THR A 23 -0.89 -7.62 -4.16
C THR A 23 -1.06 -6.51 -3.14
N TYR A 24 -1.25 -5.29 -3.63
CA TYR A 24 -1.44 -4.13 -2.76
C TYR A 24 -2.86 -4.08 -2.22
N LEU A 25 -3.82 -4.42 -3.07
CA LEU A 25 -5.22 -4.41 -2.66
C LEU A 25 -5.46 -5.29 -1.44
N GLN A 26 -4.60 -6.29 -1.28
CA GLN A 26 -4.71 -7.21 -0.15
C GLN A 26 -3.86 -6.72 1.02
N ALA A 27 -2.64 -6.31 0.73
CA ALA A 27 -1.73 -5.82 1.75
C ALA A 27 -1.91 -4.32 1.98
N LYS A 28 -1.56 -3.53 0.98
CA LYS A 28 -1.69 -2.08 1.06
C LYS A 28 -2.98 -1.68 1.78
N VAL A 29 -4.03 -2.49 1.58
CA VAL A 29 -5.32 -2.23 2.22
C VAL A 29 -5.15 -1.87 3.69
N ALA A 30 -4.08 -2.39 4.29
CA ALA A 30 -3.80 -2.12 5.70
C ALA A 30 -3.29 -0.70 5.90
N TYR A 31 -2.24 -0.34 5.17
CA TYR A 31 -1.64 0.99 5.26
C TYR A 31 -2.42 1.99 4.41
N LEU A 32 -2.51 1.70 3.11
CA LEU A 32 -3.22 2.57 2.19
C LEU A 32 -4.60 2.95 2.73
N GLU A 33 -5.13 2.09 3.60
CA GLU A 33 -6.44 2.33 4.20
C GLU A 33 -6.61 3.80 4.57
N LYS A 34 -5.68 4.31 5.38
CA LYS A 34 -5.72 5.70 5.82
C LYS A 34 -4.43 6.43 5.45
N LEU A 35 -3.32 5.71 5.51
CA LEU A 35 -2.02 6.29 5.18
C LEU A 35 -1.89 6.52 3.67
N ASP A 36 -1.30 5.54 2.98
CA ASP A 36 -1.12 5.64 1.54
C ASP A 36 -0.68 4.30 0.96
N ALA A 37 -0.57 4.24 -0.37
CA ALA A 37 -0.16 3.02 -1.05
C ALA A 37 1.32 2.73 -0.80
N LEU A 38 1.64 2.33 0.43
CA LEU A 38 3.01 2.03 0.80
C LEU A 38 3.08 1.39 2.18
N ILE A 39 4.26 0.90 2.56
CA ILE A 39 4.45 0.27 3.85
C ILE A 39 4.57 1.32 4.96
N GLN A 40 3.60 1.34 5.85
CA GLN A 40 3.59 2.29 6.97
C GLN A 40 3.33 1.58 8.29
N SER A 41 2.10 1.11 8.46
CA SER A 41 1.71 0.42 9.69
C SER A 41 2.59 -0.81 9.92
N LYS A 42 2.38 -1.82 9.08
CA LYS A 42 3.15 -3.06 9.18
C LYS A 42 3.90 -3.35 7.88
N LYS A 43 5.11 -2.80 7.77
CA LYS A 43 5.93 -3.00 6.58
C LYS A 43 6.27 -4.48 6.39
N SER A 44 6.35 -4.90 5.14
CA SER A 44 6.66 -6.29 4.81
C SER A 44 8.07 -6.65 5.26
N PRO A 45 8.33 -7.95 5.40
CA PRO A 45 9.64 -8.47 5.83
C PRO A 45 10.71 -8.27 4.76
N THR A 46 11.85 -7.71 5.17
CA THR A 46 12.95 -7.46 4.25
C THR A 46 13.86 -8.68 4.14
N LYS A 47 14.53 -8.81 3.01
CA LYS A 47 15.44 -9.94 2.78
C LYS A 47 16.69 -9.81 3.63
N LYS A 48 17.19 -10.93 4.13
CA LYS A 48 18.39 -10.95 4.96
C LYS A 48 19.61 -11.33 4.14
N LYS A 49 20.50 -10.37 3.93
CA LYS A 49 21.72 -10.61 3.17
C LYS A 49 22.67 -11.53 3.94
N ARG A 50 23.06 -12.63 3.30
CA ARG A 50 23.97 -13.60 3.91
C ARG A 50 25.23 -12.90 4.41
N LYS A 51 25.37 -12.80 5.73
CA LYS A 51 26.53 -12.16 6.33
C LYS A 51 26.39 -12.10 7.85
N MET A 3 -13.77 6.52 1.27
CA MET A 3 -13.58 7.67 2.14
C MET A 3 -12.18 8.26 1.97
N LYS A 4 -12.04 9.16 1.01
CA LYS A 4 -10.74 9.80 0.75
C LYS A 4 -10.17 10.40 2.03
N ASN A 5 -9.05 9.85 2.48
CA ASN A 5 -8.39 10.33 3.69
C ASN A 5 -8.06 11.82 3.57
N ASN A 6 -8.26 12.54 4.66
CA ASN A 6 -7.98 13.98 4.68
C ASN A 6 -6.59 14.27 4.16
N LYS A 7 -5.65 13.36 4.42
CA LYS A 7 -4.27 13.53 3.98
C LYS A 7 -4.21 13.76 2.47
N ASP A 8 -3.01 14.00 1.97
CA ASP A 8 -2.82 14.24 0.54
C ASP A 8 -3.07 12.98 -0.27
N MET A 9 -2.15 12.02 -0.16
CA MET A 9 -2.27 10.76 -0.88
C MET A 9 -3.44 9.94 -0.35
N SER A 10 -4.62 10.15 -0.93
CA SER A 10 -5.81 9.44 -0.51
C SER A 10 -5.83 8.02 -1.09
N LEU A 11 -6.59 7.14 -0.44
CA LEU A 11 -6.70 5.75 -0.88
C LEU A 11 -7.23 5.67 -2.30
N GLU A 12 -8.11 6.61 -2.67
CA GLU A 12 -8.68 6.64 -4.00
C GLU A 12 -7.60 6.77 -5.07
N GLU A 13 -6.42 7.23 -4.66
CA GLU A 13 -5.30 7.39 -5.57
C GLU A 13 -4.60 6.06 -5.81
N LYS A 14 -5.19 4.98 -5.30
CA LYS A 14 -4.61 3.65 -5.45
C LYS A 14 -4.17 3.42 -6.90
N ASN A 15 -3.29 2.44 -7.09
CA ASN A 15 -2.80 2.12 -8.42
C ASN A 15 -3.94 1.81 -9.37
N LYS A 16 -3.61 1.50 -10.62
CA LYS A 16 -4.60 1.18 -11.63
C LYS A 16 -4.17 -0.02 -12.47
N GLN A 17 -3.60 -1.03 -11.82
CA GLN A 17 -3.14 -2.22 -12.51
C GLN A 17 -4.10 -3.39 -12.27
N LEU A 18 -4.81 -3.79 -13.31
CA LEU A 18 -5.76 -4.90 -13.21
C LEU A 18 -5.03 -6.21 -12.96
N GLU A 19 -3.79 -6.30 -13.43
CA GLU A 19 -3.00 -7.51 -13.26
C GLU A 19 -2.35 -7.53 -11.88
N GLN A 20 -1.79 -6.39 -11.47
CA GLN A 20 -1.14 -6.28 -10.17
C GLN A 20 -2.17 -6.08 -9.06
N GLN A 21 -3.42 -5.84 -9.44
CA GLN A 21 -4.50 -5.62 -8.48
C GLN A 21 -4.42 -6.65 -7.36
N VAL A 22 -3.98 -7.86 -7.70
CA VAL A 22 -3.87 -8.93 -6.70
C VAL A 22 -2.84 -8.59 -5.64
N THR A 23 -1.72 -8.00 -6.06
CA THR A 23 -0.66 -7.62 -5.13
C THR A 23 -1.15 -6.57 -4.15
N TYR A 24 -1.65 -5.45 -4.66
CA TYR A 24 -2.14 -4.37 -3.82
C TYR A 24 -3.27 -4.86 -2.91
N LEU A 25 -4.30 -5.44 -3.52
CA LEU A 25 -5.44 -5.96 -2.78
C LEU A 25 -4.98 -6.80 -1.59
N GLN A 26 -3.80 -7.40 -1.73
CA GLN A 26 -3.25 -8.24 -0.67
C GLN A 26 -2.44 -7.40 0.32
N ALA A 27 -1.54 -6.59 -0.21
CA ALA A 27 -0.70 -5.73 0.64
C ALA A 27 -1.38 -4.40 0.92
N LYS A 28 -1.63 -3.64 -0.14
CA LYS A 28 -2.27 -2.34 -0.02
C LYS A 28 -3.41 -2.40 1.01
N VAL A 29 -4.07 -3.54 1.10
CA VAL A 29 -5.16 -3.73 2.04
C VAL A 29 -4.81 -3.19 3.42
N ALA A 30 -3.51 -3.21 3.74
CA ALA A 30 -3.03 -2.73 5.02
C ALA A 30 -2.74 -1.24 4.98
N TYR A 31 -1.99 -0.83 3.96
CA TYR A 31 -1.63 0.58 3.79
C TYR A 31 -2.82 1.40 3.33
N LEU A 32 -3.28 1.13 2.11
CA LEU A 32 -4.42 1.85 1.55
C LEU A 32 -5.58 1.89 2.54
N GLU A 33 -5.63 0.90 3.43
CA GLU A 33 -6.69 0.83 4.42
C GLU A 33 -6.94 2.19 5.06
N LYS A 34 -5.89 2.78 5.63
CA LYS A 34 -6.00 4.08 6.26
C LYS A 34 -5.00 5.07 5.64
N LEU A 35 -3.80 4.59 5.35
CA LEU A 35 -2.76 5.42 4.76
C LEU A 35 -3.04 5.67 3.27
N ASP A 36 -2.47 4.83 2.42
CA ASP A 36 -2.66 4.96 0.98
C ASP A 36 -1.96 3.82 0.25
N ALA A 37 -1.92 3.92 -1.08
CA ALA A 37 -1.28 2.90 -1.91
C ALA A 37 0.24 2.99 -1.82
N LEU A 38 0.78 2.66 -0.65
CA LEU A 38 2.23 2.71 -0.43
C LEU A 38 2.59 2.09 0.91
N ILE A 39 3.67 1.31 0.92
CA ILE A 39 4.13 0.66 2.14
C ILE A 39 4.28 1.68 3.28
N GLN A 40 3.43 1.55 4.29
CA GLN A 40 3.47 2.45 5.44
C GLN A 40 3.25 1.69 6.74
N SER A 41 2.04 1.17 6.91
CA SER A 41 1.71 0.41 8.11
C SER A 41 2.72 -0.71 8.36
N LYS A 42 2.58 -1.79 7.58
CA LYS A 42 3.48 -2.93 7.71
C LYS A 42 4.19 -3.21 6.38
N LYS A 43 5.32 -2.54 6.17
CA LYS A 43 6.09 -2.73 4.94
C LYS A 43 6.63 -4.15 4.85
N SER A 44 6.67 -4.69 3.63
CA SER A 44 7.17 -6.04 3.42
C SER A 44 8.56 -6.21 4.03
N PRO A 45 8.95 -7.48 4.25
CA PRO A 45 10.25 -7.81 4.83
C PRO A 45 11.40 -7.52 3.88
N THR A 46 12.43 -6.83 4.38
CA THR A 46 13.59 -6.48 3.57
C THR A 46 14.67 -7.55 3.70
N LYS A 47 15.49 -7.67 2.65
CA LYS A 47 16.57 -8.65 2.64
C LYS A 47 17.55 -8.39 3.79
N LYS A 48 17.51 -9.24 4.79
CA LYS A 48 18.40 -9.11 5.95
C LYS A 48 19.86 -9.23 5.53
N LYS A 49 20.62 -8.15 5.72
CA LYS A 49 22.03 -8.15 5.36
C LYS A 49 22.86 -8.87 6.41
N ARG A 50 23.77 -9.72 5.95
CA ARG A 50 24.63 -10.48 6.86
C ARG A 50 25.39 -9.55 7.79
N LYS A 51 25.00 -9.57 9.07
CA LYS A 51 25.64 -8.73 10.07
C LYS A 51 27.16 -8.89 10.03
N MET A 3 -11.58 3.16 1.11
CA MET A 3 -12.42 4.17 1.72
C MET A 3 -11.70 5.51 1.80
N LYS A 4 -12.16 6.47 1.02
CA LYS A 4 -11.56 7.80 1.00
C LYS A 4 -11.44 8.37 2.41
N ASN A 5 -10.23 8.32 2.97
CA ASN A 5 -9.98 8.83 4.31
C ASN A 5 -10.28 10.33 4.38
N ASN A 6 -10.57 10.82 5.59
CA ASN A 6 -10.86 12.23 5.79
C ASN A 6 -9.61 13.08 5.60
N LYS A 7 -9.24 13.28 4.34
CA LYS A 7 -8.06 14.09 4.02
C LYS A 7 -8.15 14.62 2.59
N ASP A 8 -7.16 15.43 2.20
CA ASP A 8 -7.13 16.00 0.87
C ASP A 8 -6.85 14.93 -0.18
N MET A 9 -5.59 14.50 -0.27
CA MET A 9 -5.20 13.47 -1.22
C MET A 9 -5.83 12.12 -0.86
N SER A 10 -7.02 11.87 -1.40
CA SER A 10 -7.73 10.62 -1.14
C SER A 10 -6.91 9.42 -1.61
N LEU A 11 -6.89 8.37 -0.80
CA LEU A 11 -6.15 7.17 -1.14
C LEU A 11 -6.59 6.62 -2.50
N GLU A 12 -7.79 6.98 -2.91
CA GLU A 12 -8.33 6.52 -4.19
C GLU A 12 -7.65 7.24 -5.35
N GLU A 13 -6.68 8.09 -5.03
CA GLU A 13 -5.95 8.84 -6.04
C GLU A 13 -4.90 7.96 -6.70
N LYS A 14 -4.41 6.97 -5.97
CA LYS A 14 -3.39 6.06 -6.49
C LYS A 14 -3.89 5.36 -7.75
N ASN A 15 -3.08 4.44 -8.27
CA ASN A 15 -3.43 3.70 -9.47
C ASN A 15 -3.18 2.21 -9.29
N LYS A 16 -3.27 1.46 -10.39
CA LYS A 16 -3.06 0.02 -10.35
C LYS A 16 -3.11 -0.58 -11.75
N GLN A 17 -3.00 -1.89 -11.84
CA GLN A 17 -3.04 -2.58 -13.12
C GLN A 17 -4.21 -3.57 -13.17
N LEU A 18 -4.20 -4.43 -14.19
CA LEU A 18 -5.26 -5.42 -14.35
C LEU A 18 -5.05 -6.60 -13.41
N GLU A 19 -3.89 -7.22 -13.50
CA GLU A 19 -3.56 -8.36 -12.64
C GLU A 19 -3.10 -7.90 -11.27
N GLN A 20 -2.28 -6.85 -11.24
CA GLN A 20 -1.76 -6.32 -9.98
C GLN A 20 -2.90 -5.74 -9.14
N GLN A 21 -4.05 -5.53 -9.76
CA GLN A 21 -5.21 -4.98 -9.07
C GLN A 21 -5.42 -5.69 -7.73
N VAL A 22 -5.59 -7.01 -7.78
CA VAL A 22 -5.80 -7.81 -6.58
C VAL A 22 -4.51 -7.94 -5.77
N THR A 23 -3.38 -7.90 -6.47
CA THR A 23 -2.08 -8.02 -5.82
C THR A 23 -1.93 -7.00 -4.69
N TYR A 24 -2.10 -5.73 -5.02
CA TYR A 24 -1.98 -4.66 -4.05
C TYR A 24 -3.21 -4.62 -3.14
N LEU A 25 -4.38 -4.84 -3.73
CA LEU A 25 -5.64 -4.82 -2.98
C LEU A 25 -5.56 -5.77 -1.78
N GLN A 26 -4.63 -6.72 -1.84
CA GLN A 26 -4.45 -7.68 -0.77
C GLN A 26 -3.50 -7.14 0.31
N ALA A 27 -2.29 -6.81 -0.10
CA ALA A 27 -1.28 -6.28 0.81
C ALA A 27 -1.43 -4.77 0.97
N LYS A 28 -1.23 -4.05 -0.12
CA LYS A 28 -1.33 -2.59 -0.11
C LYS A 28 -2.51 -2.15 0.75
N VAL A 29 -3.56 -2.95 0.77
CA VAL A 29 -4.75 -2.63 1.56
C VAL A 29 -4.37 -2.16 2.96
N ALA A 30 -3.22 -2.62 3.45
CA ALA A 30 -2.75 -2.24 4.77
C ALA A 30 -2.28 -0.79 4.80
N TYR A 31 -1.39 -0.45 3.86
CA TYR A 31 -0.86 0.90 3.77
C TYR A 31 -1.82 1.81 3.02
N LEU A 32 -2.14 1.43 1.78
CA LEU A 32 -3.04 2.21 0.95
C LEU A 32 -4.30 2.60 1.72
N GLU A 33 -4.65 1.78 2.71
CA GLU A 33 -5.84 2.04 3.53
C GLU A 33 -5.93 3.52 3.90
N LYS A 34 -4.87 4.03 4.53
CA LYS A 34 -4.82 5.43 4.93
C LYS A 34 -3.61 6.13 4.33
N LEU A 35 -2.49 5.44 4.28
CA LEU A 35 -1.26 6.00 3.72
C LEU A 35 -1.39 6.17 2.21
N ASP A 36 -1.03 5.14 1.46
CA ASP A 36 -1.10 5.17 0.01
C ASP A 36 -0.61 3.86 -0.60
N ALA A 37 -0.54 3.81 -1.92
CA ALA A 37 -0.09 2.62 -2.62
C ALA A 37 1.42 2.44 -2.49
N LEU A 38 1.86 2.10 -1.28
CA LEU A 38 3.28 1.90 -1.02
C LEU A 38 3.50 1.31 0.37
N ILE A 39 4.71 0.81 0.61
CA ILE A 39 5.04 0.21 1.90
C ILE A 39 5.25 1.29 2.96
N GLN A 40 4.38 1.29 3.97
CA GLN A 40 4.46 2.27 5.04
C GLN A 40 4.19 1.61 6.40
N SER A 41 2.94 1.26 6.65
CA SER A 41 2.56 0.62 7.89
C SER A 41 3.47 -0.55 8.22
N LYS A 42 3.33 -1.63 7.48
CA LYS A 42 4.16 -2.82 7.68
C LYS A 42 4.91 -3.18 6.40
N LYS A 43 6.08 -2.58 6.22
CA LYS A 43 6.90 -2.85 5.03
C LYS A 43 7.35 -4.31 5.00
N SER A 44 7.42 -4.87 3.81
CA SER A 44 7.83 -6.26 3.64
C SER A 44 9.18 -6.50 4.31
N PRO A 45 9.48 -7.78 4.58
CA PRO A 45 10.74 -8.18 5.21
C PRO A 45 11.95 -8.00 4.30
N THR A 46 12.98 -7.35 4.81
CA THR A 46 14.19 -7.10 4.04
C THR A 46 15.14 -8.30 4.10
N LYS A 47 15.98 -8.43 3.08
CA LYS A 47 16.93 -9.53 3.01
C LYS A 47 17.80 -9.57 4.27
N LYS A 48 17.70 -10.66 5.01
CA LYS A 48 18.47 -10.82 6.24
C LYS A 48 19.97 -10.71 5.95
N LYS A 49 20.54 -9.54 6.25
CA LYS A 49 21.96 -9.30 6.02
C LYS A 49 22.79 -9.94 7.13
N ARG A 50 24.01 -10.33 6.78
CA ARG A 50 24.92 -10.95 7.75
C ARG A 50 25.38 -9.94 8.79
N LYS A 51 24.82 -10.05 9.99
CA LYS A 51 25.18 -9.15 11.08
C LYS A 51 26.69 -9.08 11.27
N MET A 3 -14.25 8.16 0.45
CA MET A 3 -13.73 8.27 1.81
C MET A 3 -12.28 8.78 1.80
N LYS A 4 -11.98 9.68 0.87
CA LYS A 4 -10.64 10.25 0.76
C LYS A 4 -10.18 10.80 2.11
N ASN A 5 -9.12 10.20 2.65
CA ASN A 5 -8.57 10.64 3.93
C ASN A 5 -8.22 12.12 3.89
N ASN A 6 -8.38 12.79 5.03
CA ASN A 6 -8.08 14.21 5.12
C ASN A 6 -6.66 14.50 4.63
N LYS A 7 -5.75 13.56 4.85
CA LYS A 7 -4.38 13.71 4.44
C LYS A 7 -4.28 14.04 2.95
N ASP A 8 -3.07 14.29 2.47
CA ASP A 8 -2.85 14.62 1.07
C ASP A 8 -3.05 13.39 0.19
N MET A 9 -2.14 12.43 0.33
CA MET A 9 -2.22 11.19 -0.45
C MET A 9 -3.44 10.37 -0.07
N SER A 10 -4.55 10.63 -0.75
CA SER A 10 -5.79 9.91 -0.48
C SER A 10 -5.77 8.52 -1.11
N LEU A 11 -6.60 7.63 -0.59
CA LEU A 11 -6.69 6.26 -1.10
C LEU A 11 -7.15 6.26 -2.55
N GLU A 12 -7.97 7.24 -2.91
CA GLU A 12 -8.48 7.35 -4.28
C GLU A 12 -7.35 7.44 -5.28
N GLU A 13 -6.17 7.85 -4.80
CA GLU A 13 -5.01 8.00 -5.66
C GLU A 13 -4.35 6.65 -5.91
N LYS A 14 -5.00 5.58 -5.42
CA LYS A 14 -4.48 4.23 -5.59
C LYS A 14 -4.10 3.97 -7.05
N ASN A 15 -2.91 3.41 -7.25
CA ASN A 15 -2.43 3.10 -8.60
C ASN A 15 -1.59 1.83 -8.60
N LYS A 16 -1.74 1.04 -9.66
CA LYS A 16 -0.98 -0.21 -9.79
C LYS A 16 -1.23 -0.85 -11.14
N GLN A 17 -0.80 -2.10 -11.29
CA GLN A 17 -0.98 -2.84 -12.54
C GLN A 17 -1.85 -4.07 -12.33
N LEU A 18 -2.01 -4.86 -13.38
CA LEU A 18 -2.81 -6.08 -13.31
C LEU A 18 -2.13 -7.14 -12.47
N GLU A 19 -0.84 -7.35 -12.72
CA GLU A 19 -0.07 -8.35 -11.98
C GLU A 19 -0.04 -8.01 -10.49
N GLN A 20 0.21 -6.74 -10.18
CA GLN A 20 0.26 -6.29 -8.80
C GLN A 20 -1.14 -6.08 -8.24
N GLN A 21 -2.12 -6.03 -9.13
CA GLN A 21 -3.51 -5.83 -8.71
C GLN A 21 -3.87 -6.75 -7.55
N VAL A 22 -3.32 -7.96 -7.55
CA VAL A 22 -3.58 -8.93 -6.50
C VAL A 22 -2.66 -8.69 -5.29
N THR A 23 -1.43 -8.28 -5.58
CA THR A 23 -0.46 -8.02 -4.53
C THR A 23 -0.87 -6.82 -3.67
N TYR A 24 -1.07 -5.68 -4.33
CA TYR A 24 -1.47 -4.47 -3.63
C TYR A 24 -2.81 -4.65 -2.93
N LEU A 25 -3.72 -5.37 -3.59
CA LEU A 25 -5.05 -5.62 -3.03
C LEU A 25 -4.95 -6.31 -1.67
N GLN A 26 -3.87 -7.06 -1.47
CA GLN A 26 -3.65 -7.76 -0.21
C GLN A 26 -2.87 -6.89 0.77
N ALA A 27 -1.76 -6.33 0.31
CA ALA A 27 -0.92 -5.48 1.15
C ALA A 27 -1.44 -4.04 1.15
N LYS A 28 -1.30 -3.37 0.02
CA LYS A 28 -1.76 -1.99 -0.12
C LYS A 28 -3.07 -1.77 0.62
N VAL A 29 -4.10 -2.49 0.22
CA VAL A 29 -5.41 -2.39 0.85
C VAL A 29 -5.28 -2.34 2.37
N ALA A 30 -4.29 -3.03 2.90
CA ALA A 30 -4.05 -3.06 4.34
C ALA A 30 -3.78 -1.66 4.87
N TYR A 31 -2.84 -0.97 4.26
CA TYR A 31 -2.48 0.38 4.68
C TYR A 31 -3.43 1.41 4.07
N LEU A 32 -3.63 1.31 2.76
CA LEU A 32 -4.52 2.24 2.05
C LEU A 32 -5.85 2.38 2.78
N GLU A 33 -6.25 1.33 3.50
CA GLU A 33 -7.50 1.35 4.24
C GLU A 33 -7.69 2.67 4.96
N LYS A 34 -6.61 3.16 5.57
CA LYS A 34 -6.65 4.42 6.30
C LYS A 34 -5.58 5.38 5.80
N LEU A 35 -4.40 4.84 5.52
CA LEU A 35 -3.29 5.65 5.03
C LEU A 35 -3.45 5.97 3.54
N ASP A 36 -2.83 5.16 2.70
CA ASP A 36 -2.91 5.35 1.25
C ASP A 36 -2.30 4.16 0.51
N ALA A 37 -2.19 4.30 -0.81
CA ALA A 37 -1.63 3.23 -1.63
C ALA A 37 -0.12 3.12 -1.44
N LEU A 38 0.29 2.67 -0.26
CA LEU A 38 1.71 2.53 0.05
C LEU A 38 1.90 1.82 1.39
N ILE A 39 3.07 1.21 1.56
CA ILE A 39 3.38 0.50 2.79
C ILE A 39 3.61 1.48 3.95
N GLN A 40 2.75 1.39 4.96
CA GLN A 40 2.85 2.27 6.11
C GLN A 40 2.88 1.46 7.41
N SER A 41 1.72 0.87 7.76
CA SER A 41 1.62 0.07 8.96
C SER A 41 2.66 -1.04 8.99
N LYS A 42 2.41 -2.11 8.26
CA LYS A 42 3.34 -3.23 8.19
C LYS A 42 3.88 -3.41 6.79
N LYS A 43 4.97 -2.69 6.49
CA LYS A 43 5.59 -2.77 5.17
C LYS A 43 6.08 -4.18 4.88
N SER A 44 5.99 -4.59 3.62
CA SER A 44 6.42 -5.92 3.22
C SER A 44 7.84 -6.20 3.68
N PRO A 45 8.21 -7.49 3.74
CA PRO A 45 9.54 -7.92 4.18
C PRO A 45 10.62 -7.55 3.17
N THR A 46 11.70 -6.94 3.65
CA THR A 46 12.80 -6.54 2.79
C THR A 46 13.85 -7.64 2.69
N LYS A 47 14.60 -7.64 1.58
CA LYS A 47 15.64 -8.65 1.36
C LYS A 47 16.62 -8.67 2.52
N LYS A 48 16.46 -9.65 3.41
CA LYS A 48 17.34 -9.80 4.56
C LYS A 48 18.79 -9.98 4.13
N LYS A 49 19.56 -8.90 4.18
CA LYS A 49 20.97 -8.93 3.80
C LYS A 49 21.82 -9.56 4.90
N ARG A 50 22.93 -10.15 4.50
CA ARG A 50 23.84 -10.79 5.46
C ARG A 50 24.25 -9.80 6.55
N LYS A 51 24.27 -10.27 7.79
CA LYS A 51 24.65 -9.42 8.92
C LYS A 51 25.98 -8.73 8.66
#